data_4K8K
#
_entry.id   4K8K
#
_cell.length_a   80.592
_cell.length_b   91.100
_cell.length_c   93.340
_cell.angle_alpha   90.000
_cell.angle_beta   90.000
_cell.angle_gamma   90.000
#
_symmetry.space_group_name_H-M   'P 21 21 21'
#
loop_
_entity.id
_entity.type
_entity.pdbx_description
1 polymer 'sugar kinase'
2 non-polymer ADENOSINE
3 non-polymer '1-(4-methoxyphenyl)cyclopropanecarboxylic acid'
4 non-polymer 1H-perimidin-2-amine
5 non-polymer 'POTASSIUM ION'
6 water water
#
_entity_poly.entity_id   1
_entity_poly.type   'polypeptide(L)'
_entity_poly.pdbx_seq_one_letter_code
;(MSE)HHHHHHSSGVDLGTENLYFQS(MSE)TRFDVLTVGNAIVDIISRCNDQFLIDNQITKAA(MSE)NLIDAERAELL
YSR(MSE)GPALEASGGSAGNTAAGVANLGGKAAYFGNVAADQLGDIFTHDIRAQGVHYQTKPKGAFPPTARS(MSE)IF
VTEDGERS(MSE)NTYLGACVELGPEDVEADVVADAKVTYFEGYLWDPPRAKEAILDCARIAHQHGRE(MSE)S(MSE)T
LSDSFCVDRYRGEFLDL(MSE)RSGKVDIVFANRQEALSLYQTDDFEEALNRIAADCKIAAVT(MSE)SENGAVILKGRE
RYYVNAIRIREVVDTTGAGDLFASGFLYGYTQGRSLEDCGKLGCLAAGIVIQQIGPRP(MSE)TSLSEAAKQAGLI
;
_entity_poly.pdbx_strand_id   A,B
#
loop_
_chem_comp.id
_chem_comp.type
_chem_comp.name
_chem_comp.formula
1PJ non-polymer '1-(4-methoxyphenyl)cyclopropanecarboxylic acid' 'C11 H12 O3'
1PK non-polymer 1H-perimidin-2-amine 'C11 H9 N3'
ADN non-polymer ADENOSINE 'C10 H13 N5 O4'
K non-polymer 'POTASSIUM ION' 'K 1'
#
# COMPACT_ATOMS: atom_id res chain seq x y z
N SER A 22 31.85 -5.83 25.19
CA SER A 22 31.08 -5.27 24.04
C SER A 22 29.68 -5.84 23.82
N MSE A 23 29.56 -7.10 23.46
CA MSE A 23 28.37 -7.51 22.68
C MSE A 23 27.01 -7.33 23.30
O MSE A 23 26.72 -7.89 24.36
CB MSE A 23 28.46 -8.94 22.17
CG MSE A 23 29.57 -8.99 21.15
SE MSE A 23 29.37 -10.68 20.19
CE MSE A 23 29.42 -11.89 21.74
N THR A 24 26.18 -6.54 22.62
CA THR A 24 24.75 -6.48 22.95
CA THR A 24 24.76 -6.45 22.94
C THR A 24 23.87 -7.05 21.85
N ARG A 25 22.81 -7.73 22.26
CA ARG A 25 21.88 -8.30 21.33
C ARG A 25 21.23 -7.26 20.43
N PHE A 26 20.84 -6.11 21.00
CA PHE A 26 20.16 -5.05 20.23
C PHE A 26 20.82 -3.71 20.36
N ASP A 27 20.82 -2.96 19.26
CA ASP A 27 21.16 -1.55 19.29
C ASP A 27 20.00 -0.70 19.78
N VAL A 28 18.82 -0.92 19.21
CA VAL A 28 17.66 -0.12 19.54
C VAL A 28 16.44 -1.02 19.72
N LEU A 29 15.81 -0.93 20.88
CA LEU A 29 14.46 -1.44 21.08
C LEU A 29 13.51 -0.25 20.98
N THR A 30 12.44 -0.37 20.20
CA THR A 30 11.44 0.72 20.21
C THR A 30 10.10 0.18 20.73
N VAL A 31 9.28 1.06 21.30
CA VAL A 31 8.01 0.64 21.90
C VAL A 31 6.99 1.65 21.45
N GLY A 32 5.87 1.17 20.91
CA GLY A 32 4.84 2.08 20.43
C GLY A 32 3.53 1.41 20.14
N ASN A 33 2.60 2.21 19.63
CA ASN A 33 1.32 1.74 19.17
C ASN A 33 1.46 1.04 17.81
N ALA A 34 1.11 -0.25 17.79
CA ALA A 34 1.20 -1.05 16.57
C ALA A 34 0.00 -0.73 15.69
N ILE A 35 0.25 -0.13 14.52
CA ILE A 35 -0.82 0.41 13.67
C ILE A 35 -0.59 0.03 12.22
N VAL A 36 -1.67 -0.27 11.50
CA VAL A 36 -1.62 -0.35 10.03
C VAL A 36 -2.20 0.93 9.43
N ASP A 37 -1.45 1.57 8.53
CA ASP A 37 -1.90 2.79 7.89
C ASP A 37 -2.79 2.49 6.71
N ILE A 38 -3.82 3.32 6.54
CA ILE A 38 -4.72 3.32 5.40
C ILE A 38 -4.56 4.71 4.79
N ILE A 39 -3.99 4.80 3.60
CA ILE A 39 -3.46 6.06 3.06
C ILE A 39 -4.22 6.47 1.81
N SER A 40 -4.64 7.73 1.78
CA SER A 40 -5.33 8.27 0.61
C SER A 40 -4.94 9.72 0.42
N ARG A 41 -4.93 10.17 -0.82
CA ARG A 41 -4.80 11.60 -1.10
C ARG A 41 -6.15 12.28 -0.96
N CYS A 42 -6.14 13.53 -0.52
CA CYS A 42 -7.38 14.30 -0.48
C CYS A 42 -7.09 15.76 -0.82
N ASN A 43 -8.16 16.49 -1.13
CA ASN A 43 -8.05 17.94 -1.30
C ASN A 43 -8.13 18.65 0.04
N ASP A 44 -7.78 19.93 0.05
CA ASP A 44 -7.73 20.73 1.26
C ASP A 44 -9.11 20.78 1.91
N GLN A 45 -10.14 20.91 1.09
CA GLN A 45 -11.52 21.01 1.56
C GLN A 45 -11.97 19.79 2.36
N PHE A 46 -11.45 18.62 2.03
CA PHE A 46 -11.85 17.40 2.71
C PHE A 46 -11.56 17.46 4.22
N LEU A 47 -10.39 18.00 4.57
CA LEU A 47 -10.02 18.12 5.98
C LEU A 47 -10.95 19.07 6.70
N ILE A 48 -11.32 20.16 6.03
CA ILE A 48 -12.23 21.14 6.61
C ILE A 48 -13.62 20.52 6.80
N ASP A 49 -14.15 19.86 5.76
CA ASP A 49 -15.49 19.26 5.81
C ASP A 49 -15.64 18.21 6.90
N ASN A 50 -14.54 17.53 7.20
CA ASN A 50 -14.56 16.44 8.14
C ASN A 50 -13.94 16.78 9.49
N GLN A 51 -13.62 18.05 9.69
CA GLN A 51 -13.08 18.55 10.94
C GLN A 51 -11.89 17.72 11.41
N ILE A 52 -11.02 17.42 10.44
CA ILE A 52 -9.70 16.79 10.70
C ILE A 52 -8.63 17.84 10.90
N THR A 53 -7.93 17.80 12.03
CA THR A 53 -6.86 18.79 12.27
C THR A 53 -5.67 18.45 11.36
N LYS A 54 -5.31 19.40 10.48
CA LYS A 54 -4.24 19.18 9.50
C LYS A 54 -2.90 18.95 10.20
N ALA A 55 -2.16 17.97 9.70
CA ALA A 55 -0.78 17.70 10.12
C ALA A 55 -0.67 17.06 11.49
N ALA A 56 -1.82 16.75 12.10
CA ALA A 56 -1.84 16.20 13.45
C ALA A 56 -2.31 14.75 13.48
N MSE A 57 -2.12 14.16 14.66
CA MSE A 57 -2.66 12.85 14.97
C MSE A 57 -3.98 13.10 15.70
O MSE A 57 -4.04 13.65 16.81
CB MSE A 57 -1.62 12.12 15.83
CG MSE A 57 -1.86 10.61 15.90
SE MSE A 57 -3.39 10.13 17.03
CE MSE A 57 -2.62 10.72 18.72
N ASN A 58 -5.07 12.70 15.04
CA ASN A 58 -6.43 12.86 15.57
C ASN A 58 -6.94 11.50 16.04
N LEU A 59 -7.11 11.32 17.35
CA LEU A 59 -7.70 10.08 17.88
C LEU A 59 -9.17 9.99 17.54
N ILE A 60 -9.59 8.77 17.16
CA ILE A 60 -10.97 8.50 16.79
C ILE A 60 -11.48 7.22 17.45
N ASP A 61 -12.78 7.20 17.71
CA ASP A 61 -13.43 5.97 18.18
C ASP A 61 -13.93 5.12 17.02
N ALA A 62 -14.52 3.97 17.35
CA ALA A 62 -14.92 3.00 16.35
C ALA A 62 -15.97 3.55 15.41
N GLU A 63 -16.96 4.26 15.95
CA GLU A 63 -18.01 4.85 15.14
C GLU A 63 -17.42 5.86 14.15
N ARG A 64 -16.53 6.72 14.64
CA ARG A 64 -15.88 7.72 13.78
C ARG A 64 -15.01 7.05 12.71
N ALA A 65 -14.34 5.96 13.10
CA ALA A 65 -13.51 5.24 12.13
C ALA A 65 -14.36 4.74 10.96
N GLU A 66 -15.51 4.15 11.27
CA GLU A 66 -16.40 3.68 10.19
C GLU A 66 -16.91 4.84 9.35
N LEU A 67 -17.27 5.95 9.99
CA LEU A 67 -17.78 7.11 9.27
C LEU A 67 -16.72 7.66 8.33
N LEU A 68 -15.53 7.96 8.85
CA LEU A 68 -14.49 8.53 8.00
C LEU A 68 -14.09 7.56 6.88
N TYR A 69 -13.97 6.28 7.20
CA TYR A 69 -13.63 5.33 6.14
C TYR A 69 -14.69 5.37 5.04
N SER A 70 -15.97 5.50 5.39
CA SER A 70 -17.01 5.58 4.35
C SER A 70 -16.84 6.78 3.41
N ARG A 71 -16.14 7.83 3.87
CA ARG A 71 -15.95 9.04 3.07
C ARG A 71 -14.60 9.07 2.34
N MSE A 72 -13.73 8.14 2.72
CA MSE A 72 -12.36 8.08 2.22
C MSE A 72 -12.34 7.45 0.85
O MSE A 72 -13.09 6.50 0.57
CB MSE A 72 -11.56 7.18 3.17
CG MSE A 72 -10.11 7.17 2.73
SE MSE A 72 -9.20 6.23 4.16
CE MSE A 72 -7.44 7.06 4.05
N GLY A 73 -11.48 7.96 -0.02
CA GLY A 73 -11.34 7.39 -1.35
C GLY A 73 -10.61 6.05 -1.33
N PRO A 74 -10.36 5.48 -2.52
CA PRO A 74 -9.56 4.26 -2.62
C PRO A 74 -8.22 4.47 -1.93
N ALA A 75 -7.79 3.46 -1.16
CA ALA A 75 -6.62 3.63 -0.31
C ALA A 75 -5.58 2.53 -0.53
N LEU A 76 -4.38 2.76 0.01
CA LEU A 76 -3.32 1.77 0.10
C LEU A 76 -3.07 1.47 1.57
N GLU A 77 -2.70 0.24 1.89
CA GLU A 77 -2.35 -0.11 3.26
C GLU A 77 -0.86 -0.37 3.41
N ALA A 78 -0.32 0.06 4.53
CA ALA A 78 1.09 -0.14 4.82
C ALA A 78 1.25 -0.17 6.33
N SER A 79 2.07 -1.09 6.83
CA SER A 79 2.36 -1.14 8.24
C SER A 79 2.97 0.18 8.68
N GLY A 80 2.48 0.69 9.80
CA GLY A 80 2.90 1.97 10.35
C GLY A 80 3.23 1.89 11.83
N GLY A 81 2.75 2.87 12.60
CA GLY A 81 3.16 3.00 13.99
C GLY A 81 4.49 3.72 14.06
N SER A 82 4.52 4.87 14.71
CA SER A 82 5.72 5.70 14.75
CA SER A 82 5.72 5.71 14.78
C SER A 82 6.99 4.91 15.15
N ALA A 83 6.97 4.29 16.34
CA ALA A 83 8.11 3.50 16.81
C ALA A 83 8.37 2.29 15.91
N GLY A 84 7.30 1.69 15.37
CA GLY A 84 7.45 0.58 14.43
C GLY A 84 8.29 1.00 13.22
N ASN A 85 7.95 2.14 12.67
CA ASN A 85 8.69 2.69 11.53
C ASN A 85 10.14 2.95 11.94
N THR A 86 10.36 3.47 13.15
CA THR A 86 11.73 3.77 13.59
C THR A 86 12.55 2.49 13.71
N ALA A 87 11.97 1.44 14.32
CA ALA A 87 12.69 0.17 14.37
C ALA A 87 13.04 -0.33 12.98
N ALA A 88 12.07 -0.30 12.08
CA ALA A 88 12.27 -0.77 10.71
C ALA A 88 13.42 0.00 10.04
N GLY A 89 13.47 1.31 10.26
CA GLY A 89 14.57 2.12 9.71
C GLY A 89 15.95 1.79 10.24
N VAL A 90 16.03 1.49 11.55
CA VAL A 90 17.28 1.05 12.18
C VAL A 90 17.77 -0.24 11.51
N ALA A 91 16.86 -1.20 11.36
CA ALA A 91 17.17 -2.50 10.72
C ALA A 91 17.66 -2.31 9.29
N ASN A 92 16.91 -1.50 8.54
CA ASN A 92 17.25 -1.13 7.16
C ASN A 92 18.69 -0.57 7.07
N LEU A 93 19.04 0.36 7.96
CA LEU A 93 20.40 0.93 7.97
C LEU A 93 21.50 -0.07 8.33
N GLY A 94 21.11 -1.19 8.96
CA GLY A 94 22.06 -2.23 9.34
C GLY A 94 22.23 -2.47 10.82
N GLY A 95 21.48 -1.73 11.62
CA GLY A 95 21.47 -1.87 13.08
C GLY A 95 20.62 -3.04 13.53
N LYS A 96 20.79 -3.44 14.76
CA LYS A 96 20.00 -4.54 15.28
C LYS A 96 18.85 -3.99 16.13
N ALA A 97 17.61 -4.22 15.69
CA ALA A 97 16.43 -3.60 16.31
C ALA A 97 15.42 -4.60 16.85
N ALA A 98 14.66 -4.17 17.85
CA ALA A 98 13.57 -4.93 18.42
C ALA A 98 12.38 -3.99 18.64
N TYR A 99 11.19 -4.56 18.74
CA TYR A 99 9.95 -3.78 18.88
C TYR A 99 8.95 -4.42 19.84
N PHE A 100 8.37 -3.60 20.73
CA PHE A 100 7.18 -4.02 21.52
C PHE A 100 5.99 -3.21 21.04
N GLY A 101 4.87 -3.88 20.76
CA GLY A 101 3.63 -3.21 20.39
C GLY A 101 2.59 -4.29 20.16
N ASN A 102 1.33 -3.96 20.45
CA ASN A 102 0.30 -4.99 20.49
C ASN A 102 -0.71 -4.89 19.35
N VAL A 103 -0.80 -5.98 18.59
CA VAL A 103 -1.84 -6.13 17.57
C VAL A 103 -2.91 -7.14 18.04
N ALA A 104 -3.98 -7.24 17.26
CA ALA A 104 -4.98 -8.29 17.46
C ALA A 104 -4.69 -9.52 16.59
N ALA A 105 -5.35 -10.63 16.92
CA ALA A 105 -5.23 -11.89 16.20
C ALA A 105 -6.20 -11.83 15.01
N ASP A 106 -5.87 -10.97 14.06
CA ASP A 106 -6.69 -10.74 12.87
C ASP A 106 -5.79 -10.50 11.67
N GLN A 107 -6.38 -10.33 10.50
CA GLN A 107 -5.60 -10.17 9.27
C GLN A 107 -4.70 -8.95 9.25
N LEU A 108 -5.17 -7.85 9.81
CA LEU A 108 -4.32 -6.65 9.88
C LEU A 108 -3.14 -6.86 10.83
N GLY A 109 -3.37 -7.56 11.93
CA GLY A 109 -2.31 -7.90 12.83
C GLY A 109 -1.30 -8.80 12.15
N ASP A 110 -1.79 -9.72 11.32
CA ASP A 110 -0.88 -10.61 10.57
C ASP A 110 0.02 -9.84 9.60
N ILE A 111 -0.55 -8.85 8.93
CA ILE A 111 0.23 -7.96 8.05
C ILE A 111 1.29 -7.20 8.85
N PHE A 112 0.89 -6.61 9.99
CA PHE A 112 1.80 -5.86 10.79
C PHE A 112 2.97 -6.75 11.26
N THR A 113 2.64 -7.94 11.73
CA THR A 113 3.63 -8.88 12.23
C THR A 113 4.57 -9.27 11.10
N HIS A 114 4.00 -9.59 9.93
CA HIS A 114 4.83 -9.94 8.81
C HIS A 114 5.83 -8.85 8.45
N ASP A 115 5.35 -7.62 8.34
CA ASP A 115 6.19 -6.55 7.77
C ASP A 115 7.37 -6.18 8.64
N ILE A 116 7.11 -6.07 9.95
CA ILE A 116 8.19 -5.68 10.86
C ILE A 116 9.22 -6.81 10.98
N ARG A 117 8.74 -8.06 11.09
CA ARG A 117 9.66 -9.20 11.16
C ARG A 117 10.45 -9.38 9.85
N ALA A 118 9.80 -9.09 8.72
CA ALA A 118 10.44 -9.25 7.41
C ALA A 118 11.61 -8.29 7.23
N GLN A 119 11.55 -7.14 7.91
CA GLN A 119 12.62 -6.16 7.92
C GLN A 119 13.79 -6.60 8.82
N GLY A 120 13.62 -7.71 9.54
CA GLY A 120 14.64 -8.19 10.45
C GLY A 120 14.64 -7.52 11.82
N VAL A 121 13.48 -7.01 12.21
CA VAL A 121 13.24 -6.54 13.57
C VAL A 121 12.70 -7.67 14.41
N HIS A 122 13.28 -7.85 15.60
CA HIS A 122 12.76 -8.81 16.61
C HIS A 122 11.40 -8.32 17.06
N TYR A 123 10.36 -9.10 16.82
CA TYR A 123 9.02 -8.70 17.24
C TYR A 123 8.29 -9.93 17.73
N GLN A 124 8.03 -9.96 19.04
CA GLN A 124 7.49 -11.16 19.69
C GLN A 124 6.28 -10.87 20.59
N THR A 125 5.73 -9.66 20.53
CA THR A 125 4.54 -9.33 21.33
C THR A 125 3.34 -10.09 20.80
N LYS A 126 2.73 -10.89 21.68
CA LYS A 126 1.68 -11.82 21.34
C LYS A 126 0.30 -11.14 21.36
N PRO A 127 -0.52 -11.34 20.32
CA PRO A 127 -1.90 -10.85 20.42
C PRO A 127 -2.66 -11.48 21.60
N LYS A 128 -3.59 -10.71 22.16
CA LYS A 128 -4.38 -11.17 23.30
C LYS A 128 -5.76 -11.69 22.93
N GLY A 129 -6.22 -11.34 21.73
CA GLY A 129 -7.52 -11.77 21.22
C GLY A 129 -7.78 -11.07 19.91
N ALA A 130 -8.97 -11.25 19.34
CA ALA A 130 -9.37 -10.57 18.10
C ALA A 130 -10.06 -9.23 18.35
N PHE A 131 -10.52 -9.01 19.51
CA PHE A 131 -11.18 -7.76 19.87
CA PHE A 131 -11.19 -7.76 19.86
C PHE A 131 -10.72 -7.07 21.32
N PRO A 132 -10.27 -5.85 21.17
CA PRO A 132 -10.41 -4.90 20.03
C PRO A 132 -9.50 -5.27 18.87
N PRO A 133 -9.92 -4.93 17.64
CA PRO A 133 -9.15 -5.32 16.46
C PRO A 133 -7.88 -4.47 16.32
N THR A 134 -7.01 -4.88 15.42
CA THR A 134 -5.75 -4.18 15.21
C THR A 134 -5.98 -2.69 14.88
N ALA A 135 -5.17 -1.83 15.48
CA ALA A 135 -5.24 -0.40 15.21
C ALA A 135 -5.03 -0.06 13.75
N ARG A 136 -5.74 0.98 13.31
CA ARG A 136 -5.53 1.59 12.00
C ARG A 136 -5.48 3.09 12.12
N SER A 137 -4.72 3.70 11.21
CA SER A 137 -4.70 5.16 11.09
C SER A 137 -5.03 5.51 9.65
N MSE A 138 -6.14 6.24 9.46
CA MSE A 138 -6.49 6.75 8.14
C MSE A 138 -5.70 8.01 7.97
O MSE A 138 -5.88 9.00 8.72
CB MSE A 138 -7.97 7.04 8.02
CG MSE A 138 -8.63 5.68 7.78
SE MSE A 138 -10.53 6.00 7.83
CE MSE A 138 -10.77 5.85 9.77
N ILE A 139 -4.78 8.00 7.02
CA ILE A 139 -3.85 9.10 6.80
C ILE A 139 -4.19 9.77 5.48
N PHE A 140 -4.55 11.05 5.56
CA PHE A 140 -4.92 11.83 4.39
C PHE A 140 -3.77 12.73 4.00
N VAL A 141 -3.31 12.58 2.76
CA VAL A 141 -2.16 13.33 2.27
C VAL A 141 -2.65 14.41 1.31
N THR A 142 -2.42 15.66 1.67
CA THR A 142 -2.82 16.79 0.84
C THR A 142 -1.77 17.06 -0.24
N GLU A 143 -2.10 17.93 -1.21
CA GLU A 143 -1.21 18.20 -2.35
C GLU A 143 0.17 18.73 -1.97
N ASP A 144 0.25 19.39 -0.82
CA ASP A 144 1.54 19.87 -0.29
C ASP A 144 2.39 18.76 0.33
N GLY A 145 1.87 17.53 0.39
CA GLY A 145 2.61 16.42 0.96
C GLY A 145 2.42 16.24 2.45
N GLU A 146 1.71 17.19 3.08
CA GLU A 146 1.41 17.07 4.51
C GLU A 146 0.49 15.88 4.76
N ARG A 147 0.63 15.29 5.94
CA ARG A 147 -0.21 14.13 6.32
CA ARG A 147 -0.18 14.13 6.32
C ARG A 147 -1.01 14.39 7.61
N SER A 148 -2.29 14.00 7.55
CA SER A 148 -3.20 14.22 8.66
C SER A 148 -3.81 12.88 9.02
N MSE A 149 -3.60 12.47 10.27
CA MSE A 149 -3.80 11.06 10.66
C MSE A 149 -4.97 10.96 11.57
O MSE A 149 -5.20 11.85 12.39
CB MSE A 149 -2.61 10.48 11.41
CG MSE A 149 -1.35 10.81 10.62
SE MSE A 149 0.18 9.78 11.21
CE MSE A 149 0.39 10.68 12.93
N ASN A 150 -5.72 9.87 11.42
CA ASN A 150 -6.96 9.64 12.16
C ASN A 150 -6.93 8.21 12.68
N THR A 151 -6.63 8.07 13.97
CA THR A 151 -6.17 6.81 14.52
C THR A 151 -7.14 6.19 15.49
N TYR A 152 -7.55 4.96 15.15
CA TYR A 152 -8.34 4.12 16.04
C TYR A 152 -7.36 3.19 16.74
N LEU A 153 -7.24 3.33 18.06
CA LEU A 153 -6.18 2.61 18.78
C LEU A 153 -6.40 1.11 18.89
N GLY A 154 -7.67 0.67 18.89
CA GLY A 154 -7.97 -0.77 18.93
C GLY A 154 -7.14 -1.54 19.94
N ALA A 155 -6.50 -2.60 19.46
CA ALA A 155 -5.73 -3.49 20.31
C ALA A 155 -4.54 -2.81 21.04
N CYS A 156 -4.11 -1.63 20.58
CA CYS A 156 -3.07 -0.90 21.30
C CYS A 156 -3.44 -0.59 22.75
N VAL A 157 -4.73 -0.58 23.07
CA VAL A 157 -5.12 -0.31 24.47
C VAL A 157 -4.73 -1.43 25.44
N GLU A 158 -4.37 -2.60 24.90
CA GLU A 158 -4.03 -3.74 25.75
C GLU A 158 -2.55 -3.80 26.09
N LEU A 159 -1.71 -2.99 25.45
CA LEU A 159 -0.27 -3.03 25.76
C LEU A 159 -0.04 -2.66 27.22
N GLY A 160 0.72 -3.48 27.93
CA GLY A 160 0.94 -3.24 29.35
C GLY A 160 2.23 -3.89 29.80
N PRO A 161 2.48 -3.86 31.12
CA PRO A 161 3.72 -4.39 31.69
C PRO A 161 3.99 -5.86 31.32
N GLU A 162 2.93 -6.63 31.07
CA GLU A 162 3.08 -8.04 30.69
C GLU A 162 3.81 -8.24 29.34
N ASP A 163 3.93 -7.16 28.56
CA ASP A 163 4.51 -7.21 27.23
C ASP A 163 5.96 -6.75 27.24
N VAL A 164 6.48 -6.43 28.43
CA VAL A 164 7.89 -6.08 28.53
C VAL A 164 8.71 -7.37 28.56
N GLU A 165 9.48 -7.60 27.51
CA GLU A 165 10.46 -8.69 27.49
C GLU A 165 11.71 -8.13 28.16
N ALA A 166 11.88 -8.45 29.43
CA ALA A 166 12.91 -7.79 30.24
C ALA A 166 14.32 -8.05 29.74
N ASP A 167 14.55 -9.28 29.26
CA ASP A 167 15.84 -9.62 28.66
C ASP A 167 16.16 -8.77 27.44
N VAL A 168 15.14 -8.37 26.69
CA VAL A 168 15.36 -7.54 25.52
C VAL A 168 15.79 -6.12 25.94
N VAL A 169 15.06 -5.52 26.88
CA VAL A 169 15.36 -4.16 27.35
C VAL A 169 16.78 -4.16 27.97
N ALA A 170 17.09 -5.22 28.72
CA ALA A 170 18.41 -5.37 29.36
C ALA A 170 19.56 -5.42 28.34
N ASP A 171 19.24 -5.93 27.16
CA ASP A 171 20.20 -6.23 26.10
C ASP A 171 20.14 -5.25 24.92
N ALA A 172 19.51 -4.08 25.11
CA ALA A 172 19.41 -3.06 24.06
C ALA A 172 20.15 -1.78 24.46
N LYS A 173 21.01 -1.30 23.58
CA LYS A 173 21.78 -0.10 23.90
C LYS A 173 20.87 1.09 24.22
N VAL A 174 19.81 1.25 23.43
CA VAL A 174 18.85 2.32 23.63
C VAL A 174 17.46 1.70 23.53
N THR A 175 16.60 2.03 24.49
CA THR A 175 15.16 1.79 24.38
C THR A 175 14.46 3.13 24.14
N TYR A 176 13.71 3.20 23.03
CA TYR A 176 13.07 4.41 22.53
C TYR A 176 11.56 4.18 22.50
N PHE A 177 10.80 5.17 22.97
CA PHE A 177 9.35 5.05 22.98
C PHE A 177 8.62 6.30 22.54
N GLU A 178 7.35 6.13 22.19
CA GLU A 178 6.51 7.23 21.75
C GLU A 178 5.80 7.95 22.89
N GLY A 179 5.81 9.28 22.86
CA GLY A 179 4.88 10.07 23.66
C GLY A 179 3.43 9.63 23.42
N TYR A 180 3.14 9.15 22.20
CA TYR A 180 1.81 8.62 21.86
C TYR A 180 1.34 7.51 22.82
N LEU A 181 2.26 6.83 23.49
CA LEU A 181 1.88 5.76 24.42
C LEU A 181 1.15 6.27 25.66
N TRP A 182 1.11 7.60 25.85
CA TRP A 182 0.41 8.15 26.99
C TRP A 182 -1.13 8.18 26.81
N ASP A 183 -1.61 7.96 25.57
CA ASP A 183 -3.05 7.89 25.30
C ASP A 183 -3.70 6.56 25.77
N PRO A 184 -3.19 5.38 25.33
CA PRO A 184 -3.74 4.11 25.86
C PRO A 184 -3.49 4.00 27.36
N PRO A 185 -4.27 3.18 28.08
CA PRO A 185 -4.28 3.33 29.55
C PRO A 185 -3.05 2.81 30.29
N ARG A 186 -2.49 1.70 29.85
CA ARG A 186 -1.51 1.00 30.65
C ARG A 186 -0.12 0.98 30.06
N ALA A 187 0.04 1.54 28.85
CA ALA A 187 1.34 1.51 28.19
C ALA A 187 2.43 2.20 29.02
N LYS A 188 2.07 3.29 29.70
CA LYS A 188 3.01 4.04 30.52
C LYS A 188 3.63 3.18 31.62
N GLU A 189 2.88 2.23 32.15
CA GLU A 189 3.39 1.31 33.16
C GLU A 189 4.49 0.45 32.56
N ALA A 190 4.30 0.01 31.32
CA ALA A 190 5.35 -0.75 30.62
C ALA A 190 6.60 0.08 30.44
N ILE A 191 6.40 1.34 30.04
CA ILE A 191 7.52 2.25 29.85
C ILE A 191 8.32 2.51 31.13
N LEU A 192 7.65 2.70 32.26
CA LEU A 192 8.38 2.83 33.53
C LEU A 192 9.19 1.57 33.86
N ASP A 193 8.62 0.40 33.59
CA ASP A 193 9.38 -0.83 33.78
C ASP A 193 10.60 -0.85 32.86
N CYS A 194 10.42 -0.45 31.60
CA CYS A 194 11.56 -0.37 30.67
C CYS A 194 12.68 0.56 31.16
N ALA A 195 12.32 1.73 31.68
CA ALA A 195 13.30 2.70 32.19
C ALA A 195 14.09 2.11 33.34
N ARG A 196 13.40 1.43 34.24
CA ARG A 196 14.06 0.80 35.37
C ARG A 196 15.10 -0.24 34.89
N ILE A 197 14.66 -1.13 34.01
CA ILE A 197 15.50 -2.22 33.54
C ILE A 197 16.67 -1.67 32.73
N ALA A 198 16.38 -0.76 31.80
CA ALA A 198 17.40 -0.15 30.95
C ALA A 198 18.48 0.51 31.79
N HIS A 199 18.05 1.33 32.74
CA HIS A 199 19.00 2.04 33.58
C HIS A 199 19.79 1.14 34.55
N GLN A 200 19.14 0.10 35.06
CA GLN A 200 19.83 -0.87 35.91
C GLN A 200 20.96 -1.58 35.15
N HIS A 201 20.80 -1.72 33.84
CA HIS A 201 21.77 -2.41 33.03
C HIS A 201 22.69 -1.47 32.26
N GLY A 202 22.70 -0.19 32.65
CA GLY A 202 23.57 0.82 32.04
C GLY A 202 23.25 1.22 30.63
N ARG A 203 21.99 1.05 30.24
CA ARG A 203 21.52 1.46 28.92
C ARG A 203 20.91 2.86 28.97
N GLU A 204 20.51 3.34 27.82
CA GLU A 204 19.86 4.63 27.73
C GLU A 204 18.43 4.53 27.25
N MSE A 205 17.64 5.50 27.70
CA MSE A 205 16.26 5.62 27.30
C MSE A 205 16.02 6.86 26.47
O MSE A 205 16.61 7.94 26.70
CB MSE A 205 15.43 5.86 28.57
CG MSE A 205 15.36 4.70 29.54
SE MSE A 205 14.41 3.20 28.70
CE MSE A 205 12.67 4.04 28.31
N SER A 206 15.12 6.74 25.52
CA SER A 206 14.85 7.84 24.62
C SER A 206 13.35 7.92 24.35
N MSE A 207 12.86 9.13 24.09
CA MSE A 207 11.47 9.30 23.67
C MSE A 207 11.32 10.31 22.59
O MSE A 207 12.18 11.18 22.41
CB MSE A 207 10.61 9.67 24.85
CG MSE A 207 10.59 11.17 25.06
SE MSE A 207 9.38 11.52 26.56
CE MSE A 207 7.70 11.10 25.61
N THR A 208 10.23 10.19 21.84
CA THR A 208 9.82 11.25 20.94
C THR A 208 8.58 11.91 21.50
N LEU A 209 8.52 13.24 21.38
CA LEU A 209 7.32 13.96 21.79
C LEU A 209 6.10 13.69 20.89
N SER A 210 6.33 13.08 19.71
CA SER A 210 5.29 12.50 18.86
C SER A 210 4.40 13.46 18.09
N ASP A 211 3.77 14.42 18.79
CA ASP A 211 2.76 15.26 18.14
C ASP A 211 2.49 16.42 19.07
N SER A 212 2.28 17.62 18.52
CA SER A 212 2.10 18.81 19.38
C SER A 212 0.89 18.75 20.28
N PHE A 213 -0.19 18.13 19.82
CA PHE A 213 -1.38 17.97 20.65
C PHE A 213 -1.19 16.93 21.70
N CYS A 214 -0.40 15.90 21.39
CA CYS A 214 -0.03 14.90 22.38
C CYS A 214 0.77 15.58 23.51
N VAL A 215 1.70 16.45 23.13
CA VAL A 215 2.42 17.24 24.10
C VAL A 215 1.45 18.11 24.92
N ASP A 216 0.49 18.78 24.26
CA ASP A 216 -0.53 19.53 25.03
C ASP A 216 -1.21 18.63 26.07
N ARG A 217 -1.55 17.38 25.72
CA ARG A 217 -2.21 16.46 26.67
C ARG A 217 -1.33 16.04 27.88
N TYR A 218 -0.03 15.87 27.66
CA TYR A 218 0.86 15.19 28.64
C TYR A 218 2.12 15.98 28.96
N ARG A 219 2.03 17.30 28.78
CA ARG A 219 3.18 18.21 28.97
CA ARG A 219 3.17 18.20 28.97
C ARG A 219 3.95 17.99 30.30
N GLY A 220 3.18 18.04 31.39
CA GLY A 220 3.75 17.88 32.73
C GLY A 220 4.42 16.53 32.88
N GLU A 221 3.76 15.49 32.39
CA GLU A 221 4.30 14.14 32.52
C GLU A 221 5.56 13.94 31.68
N PHE A 222 5.58 14.52 30.48
CA PHE A 222 6.76 14.43 29.64
C PHE A 222 7.95 15.17 30.26
N LEU A 223 7.72 16.37 30.79
CA LEU A 223 8.76 17.11 31.50
C LEU A 223 9.28 16.33 32.70
N ASP A 224 8.37 15.66 33.41
CA ASP A 224 8.76 14.83 34.55
C ASP A 224 9.66 13.67 34.12
N LEU A 225 9.31 13.01 33.01
CA LEU A 225 10.13 11.91 32.50
C LEU A 225 11.56 12.41 32.23
N MSE A 226 11.67 13.61 31.69
CA MSE A 226 13.00 14.15 31.35
C MSE A 226 13.78 14.58 32.57
O MSE A 226 14.95 14.22 32.75
CB MSE A 226 12.82 15.32 30.39
CG MSE A 226 12.28 14.84 29.04
SE MSE A 226 11.52 16.37 28.05
CE MSE A 226 13.16 17.38 27.66
N ARG A 227 13.13 15.36 33.43
CA ARG A 227 13.76 15.93 34.62
C ARG A 227 14.14 14.90 35.70
N SER A 228 13.37 13.81 35.79
CA SER A 228 13.66 12.73 36.74
C SER A 228 14.72 11.78 36.19
N GLY A 229 15.12 11.98 34.93
CA GLY A 229 16.13 11.14 34.34
C GLY A 229 15.64 9.82 33.80
N LYS A 230 14.32 9.63 33.67
CA LYS A 230 13.81 8.40 33.09
C LYS A 230 14.13 8.38 31.60
N VAL A 231 14.13 9.54 30.98
CA VAL A 231 14.48 9.68 29.57
C VAL A 231 15.79 10.44 29.41
N ASP A 232 16.71 9.87 28.64
CA ASP A 232 18.04 10.48 28.41
C ASP A 232 18.09 11.28 27.12
N ILE A 233 17.47 10.76 26.05
CA ILE A 233 17.55 11.39 24.73
C ILE A 233 16.14 11.71 24.25
N VAL A 234 15.86 12.97 23.94
CA VAL A 234 14.51 13.38 23.52
CA VAL A 234 14.51 13.35 23.51
C VAL A 234 14.51 13.85 22.06
N PHE A 235 13.58 13.33 21.26
CA PHE A 235 13.30 13.82 19.91
C PHE A 235 12.08 14.72 19.89
N ALA A 236 12.17 15.84 19.18
CA ALA A 236 11.06 16.78 19.01
C ALA A 236 11.15 17.42 17.63
N ASN A 237 10.02 17.79 17.06
CA ASN A 237 10.06 18.78 15.98
C ASN A 237 9.83 20.18 16.55
N ARG A 238 9.91 21.19 15.70
CA ARG A 238 9.77 22.59 16.13
CA ARG A 238 9.78 22.58 16.12
C ARG A 238 8.47 22.82 16.89
N GLN A 239 7.37 22.35 16.32
CA GLN A 239 6.05 22.59 16.91
C GLN A 239 5.92 21.90 18.28
N GLU A 240 6.48 20.70 18.39
CA GLU A 240 6.44 19.96 19.66
C GLU A 240 7.27 20.66 20.73
N ALA A 241 8.43 21.19 20.36
CA ALA A 241 9.29 21.91 21.30
C ALA A 241 8.60 23.18 21.80
N LEU A 242 7.95 23.92 20.88
CA LEU A 242 7.21 25.12 21.23
C LEU A 242 6.06 24.76 22.16
N SER A 243 5.38 23.65 21.86
N SER A 243 5.37 23.64 21.87
CA SER A 243 4.26 23.17 22.69
CA SER A 243 4.26 23.19 22.72
C SER A 243 4.72 22.76 24.09
C SER A 243 4.73 22.78 24.10
N LEU A 244 5.88 22.11 24.16
CA LEU A 244 6.39 21.63 25.45
C LEU A 244 6.52 22.77 26.46
N TYR A 245 6.98 23.92 26.00
CA TYR A 245 7.20 25.09 26.87
C TYR A 245 6.14 26.19 26.68
N GLN A 246 5.12 25.91 25.87
CA GLN A 246 4.02 26.85 25.64
C GLN A 246 4.52 28.24 25.24
N THR A 247 5.45 28.25 24.29
CA THR A 247 6.08 29.48 23.86
C THR A 247 5.98 29.59 22.34
N ASP A 248 6.10 30.81 21.84
CA ASP A 248 6.32 31.01 20.41
C ASP A 248 7.78 31.34 20.09
N ASP A 249 8.61 31.39 21.12
CA ASP A 249 10.03 31.70 20.98
C ASP A 249 10.82 30.40 20.83
N PHE A 250 11.20 30.09 19.61
CA PHE A 250 11.98 28.86 19.37
C PHE A 250 13.33 28.84 20.07
N GLU A 251 14.00 29.99 20.17
CA GLU A 251 15.25 30.03 20.91
C GLU A 251 15.06 29.64 22.38
N GLU A 252 13.99 30.16 23.00
CA GLU A 252 13.65 29.76 24.37
C GLU A 252 13.43 28.26 24.45
N ALA A 253 12.65 27.71 23.51
CA ALA A 253 12.39 26.27 23.49
C ALA A 253 13.67 25.44 23.44
N LEU A 254 14.61 25.84 22.58
CA LEU A 254 15.90 25.13 22.47
C LEU A 254 16.71 25.20 23.77
N ASN A 255 16.81 26.40 24.34
CA ASN A 255 17.49 26.59 25.62
C ASN A 255 16.87 25.73 26.73
N ARG A 256 15.54 25.71 26.79
CA ARG A 256 14.89 24.98 27.87
C ARG A 256 14.99 23.46 27.67
N ILE A 257 14.81 22.98 26.44
CA ILE A 257 14.91 21.55 26.20
C ILE A 257 16.31 21.02 26.53
N ALA A 258 17.32 21.81 26.21
CA ALA A 258 18.70 21.44 26.55
C ALA A 258 18.95 21.33 28.06
N ALA A 259 18.22 22.12 28.84
CA ALA A 259 18.34 22.08 30.30
C ALA A 259 17.59 20.90 30.91
N ASP A 260 16.63 20.35 30.17
CA ASP A 260 15.72 19.32 30.72
C ASP A 260 16.10 17.87 30.39
N CYS A 261 16.99 17.68 29.43
CA CYS A 261 17.40 16.32 29.06
CA CYS A 261 17.35 16.33 28.96
C CYS A 261 18.85 16.29 28.64
N LYS A 262 19.47 15.12 28.71
CA LYS A 262 20.91 15.01 28.42
C LYS A 262 21.22 15.35 26.96
N ILE A 263 20.47 14.75 26.04
CA ILE A 263 20.62 15.04 24.61
C ILE A 263 19.24 15.30 24.03
N ALA A 264 19.10 16.37 23.23
CA ALA A 264 17.85 16.65 22.53
C ALA A 264 18.14 16.76 21.04
N ALA A 265 17.30 16.13 20.22
CA ALA A 265 17.42 16.27 18.78
C ALA A 265 16.13 16.93 18.28
N VAL A 266 16.26 18.13 17.73
CA VAL A 266 15.10 18.93 17.34
C VAL A 266 15.07 19.11 15.82
N THR A 267 14.02 18.60 15.19
CA THR A 267 13.94 18.64 13.74
C THR A 267 13.14 19.85 13.29
N MSE A 268 13.47 20.37 12.11
CA MSE A 268 12.87 21.60 11.60
C MSE A 268 12.50 21.47 10.15
O MSE A 268 12.65 22.43 9.38
CB MSE A 268 13.84 22.76 11.83
CG MSE A 268 14.23 22.86 13.30
SE MSE A 268 15.61 24.24 13.49
CE MSE A 268 17.18 23.24 12.87
N SER A 269 12.02 20.30 9.75
CA SER A 269 11.57 20.03 8.38
C SER A 269 12.64 20.45 7.36
N GLU A 270 12.27 21.30 6.40
CA GLU A 270 13.21 21.75 5.38
C GLU A 270 14.40 22.56 5.92
N ASN A 271 14.31 22.99 7.17
CA ASN A 271 15.39 23.75 7.81
C ASN A 271 16.40 22.87 8.55
N GLY A 272 16.25 21.57 8.40
CA GLY A 272 17.22 20.62 8.95
C GLY A 272 16.96 20.24 10.39
N ALA A 273 18.02 20.17 11.19
CA ALA A 273 17.89 19.75 12.59
C ALA A 273 18.97 20.38 13.45
N VAL A 274 18.73 20.43 14.75
CA VAL A 274 19.74 20.86 15.71
C VAL A 274 19.83 19.83 16.82
N ILE A 275 21.05 19.46 17.15
CA ILE A 275 21.30 18.48 18.22
C ILE A 275 21.92 19.25 19.38
N LEU A 276 21.37 19.04 20.57
CA LEU A 276 21.83 19.77 21.74
C LEU A 276 22.31 18.80 22.81
N LYS A 277 23.42 19.15 23.45
CA LYS A 277 23.93 18.37 24.58
C LYS A 277 24.61 19.33 25.56
N GLY A 278 23.94 19.64 26.66
CA GLY A 278 24.45 20.66 27.59
C GLY A 278 24.48 22.00 26.89
N ARG A 279 25.68 22.57 26.78
CA ARG A 279 25.92 23.82 26.05
C ARG A 279 26.28 23.59 24.58
N GLU A 280 26.52 22.34 24.20
CA GLU A 280 26.89 22.00 22.82
C GLU A 280 25.66 22.09 21.91
N ARG A 281 25.87 22.63 20.71
CA ARG A 281 24.84 22.68 19.67
C ARG A 281 25.45 22.26 18.36
N TYR A 282 24.75 21.42 17.61
CA TYR A 282 25.18 20.96 16.28
C TYR A 282 24.06 21.08 15.28
N TYR A 283 24.25 21.95 14.28
CA TYR A 283 23.25 22.16 13.24
CA TYR A 283 23.24 22.14 13.26
C TYR A 283 23.53 21.28 12.04
N VAL A 284 22.48 20.66 11.50
CA VAL A 284 22.56 19.79 10.34
C VAL A 284 21.59 20.26 9.28
N ASN A 285 22.04 20.34 8.03
CA ASN A 285 21.18 20.72 6.93
C ASN A 285 20.27 19.58 6.46
N ALA A 286 19.05 19.92 6.07
CA ALA A 286 18.19 18.99 5.37
C ALA A 286 18.85 18.62 4.03
N ILE A 287 18.61 17.39 3.58
CA ILE A 287 19.05 17.01 2.24
C ILE A 287 18.16 17.58 1.14
N ARG A 288 18.65 17.51 -0.10
CA ARG A 288 17.88 17.86 -1.28
C ARG A 288 16.73 16.89 -1.49
N ILE A 289 15.54 17.44 -1.67
CA ILE A 289 14.32 16.69 -1.95
C ILE A 289 13.89 17.00 -3.38
N ARG A 290 13.72 15.96 -4.20
CA ARG A 290 13.13 16.13 -5.54
C ARG A 290 11.67 16.60 -5.45
N GLU A 291 10.88 15.93 -4.61
CA GLU A 291 9.49 16.33 -4.38
C GLU A 291 9.01 15.80 -3.04
N VAL A 292 8.18 16.58 -2.36
CA VAL A 292 7.55 16.13 -1.13
C VAL A 292 6.31 15.32 -1.51
N VAL A 293 6.47 13.99 -1.56
CA VAL A 293 5.40 13.08 -1.95
C VAL A 293 4.45 12.88 -0.78
N ASP A 294 5.00 12.54 0.38
CA ASP A 294 4.19 12.19 1.54
C ASP A 294 5.09 12.29 2.76
N THR A 295 4.82 13.25 3.65
CA THR A 295 5.71 13.46 4.79
C THR A 295 5.55 12.42 5.91
N THR A 296 4.61 11.49 5.77
CA THR A 296 4.42 10.44 6.77
C THR A 296 5.72 9.67 7.04
N GLY A 297 6.12 9.64 8.30
CA GLY A 297 7.30 8.89 8.72
C GLY A 297 8.55 9.73 8.83
N ALA A 298 8.50 11.02 8.46
CA ALA A 298 9.74 11.80 8.46
C ALA A 298 10.45 11.78 9.83
N GLY A 299 9.73 12.13 10.89
CA GLY A 299 10.33 12.21 12.19
C GLY A 299 10.75 10.83 12.67
N ASP A 300 9.99 9.81 12.29
CA ASP A 300 10.29 8.45 12.71
C ASP A 300 11.62 8.00 12.13
N LEU A 301 11.83 8.33 10.85
CA LEU A 301 13.08 7.93 10.18
C LEU A 301 14.26 8.85 10.56
N PHE A 302 13.99 10.11 10.91
CA PHE A 302 15.03 10.89 11.52
C PHE A 302 15.57 10.16 12.77
N ALA A 303 14.68 9.66 13.61
CA ALA A 303 15.08 8.97 14.80
C ALA A 303 15.83 7.68 14.45
N SER A 304 15.40 6.95 13.41
CA SER A 304 16.15 5.78 12.95
C SER A 304 17.61 6.10 12.65
N GLY A 305 17.79 7.12 11.82
CA GLY A 305 19.14 7.47 11.41
C GLY A 305 19.97 7.98 12.57
N PHE A 306 19.38 8.84 13.41
CA PHE A 306 20.06 9.32 14.62
C PHE A 306 20.48 8.20 15.58
N LEU A 307 19.54 7.30 15.90
CA LEU A 307 19.80 6.24 16.86
C LEU A 307 20.75 5.18 16.28
N TYR A 308 20.67 4.91 14.97
CA TYR A 308 21.67 4.06 14.31
C TYR A 308 23.08 4.65 14.48
N GLY A 309 23.25 5.91 14.11
CA GLY A 309 24.54 6.56 14.29
C GLY A 309 24.98 6.54 15.75
N TYR A 310 24.05 6.81 16.67
CA TYR A 310 24.39 6.96 18.08
C TYR A 310 24.89 5.63 18.63
N THR A 311 24.22 4.54 18.25
CA THR A 311 24.59 3.25 18.79
C THR A 311 25.77 2.63 18.02
N GLN A 312 26.22 3.32 16.99
CA GLN A 312 27.47 2.95 16.30
C GLN A 312 28.66 3.80 16.76
N GLY A 313 28.44 4.66 17.76
CA GLY A 313 29.51 5.49 18.32
C GLY A 313 29.85 6.71 17.50
N ARG A 314 28.93 7.13 16.63
CA ARG A 314 29.18 8.30 15.76
C ARG A 314 29.00 9.64 16.48
N SER A 315 29.63 10.69 15.96
CA SER A 315 29.49 12.03 16.51
C SER A 315 28.04 12.48 16.45
N LEU A 316 27.65 13.39 17.34
CA LEU A 316 26.27 13.87 17.33
C LEU A 316 25.91 14.53 16.00
N GLU A 317 26.86 15.24 15.40
CA GLU A 317 26.62 15.83 14.09
C GLU A 317 26.32 14.73 13.05
N ASP A 318 27.14 13.68 13.04
CA ASP A 318 26.93 12.58 12.12
C ASP A 318 25.63 11.81 12.36
N CYS A 319 25.22 11.69 13.62
CA CYS A 319 23.92 11.12 13.94
C CYS A 319 22.81 12.01 13.32
N GLY A 320 22.95 13.33 13.46
CA GLY A 320 22.02 14.26 12.84
C GLY A 320 21.99 14.11 11.32
N LYS A 321 23.18 14.00 10.72
CA LYS A 321 23.27 13.82 9.27
C LYS A 321 22.55 12.55 8.81
N LEU A 322 22.78 11.45 9.53
CA LEU A 322 22.10 10.19 9.23
C LEU A 322 20.58 10.32 9.38
N GLY A 323 20.13 11.06 10.40
CA GLY A 323 18.69 11.26 10.59
C GLY A 323 18.11 12.05 9.43
N CYS A 324 18.79 13.10 9.03
CA CYS A 324 18.29 13.92 7.91
C CYS A 324 18.26 13.13 6.60
N LEU A 325 19.25 12.28 6.41
CA LEU A 325 19.26 11.45 5.22
C LEU A 325 18.04 10.50 5.18
N ALA A 326 17.82 9.78 6.29
CA ALA A 326 16.72 8.82 6.30
C ALA A 326 15.35 9.52 6.16
N ALA A 327 15.19 10.63 6.88
CA ALA A 327 13.94 11.39 6.82
C ALA A 327 13.67 11.94 5.40
N GLY A 328 14.70 12.50 4.76
CA GLY A 328 14.57 12.98 3.39
C GLY A 328 14.20 11.92 2.36
N ILE A 329 14.72 10.72 2.56
CA ILE A 329 14.37 9.60 1.70
C ILE A 329 12.88 9.21 1.90
N VAL A 330 12.43 9.11 3.15
CA VAL A 330 11.07 8.61 3.36
C VAL A 330 9.98 9.56 2.84
N ILE A 331 10.26 10.86 2.80
CA ILE A 331 9.21 11.78 2.36
C ILE A 331 9.05 11.81 0.84
N GLN A 332 9.92 11.09 0.16
CA GLN A 332 9.88 11.01 -1.30
C GLN A 332 9.21 9.73 -1.81
N GLN A 333 8.47 9.06 -0.92
CA GLN A 333 7.72 7.87 -1.32
C GLN A 333 6.40 7.87 -0.60
N ILE A 334 5.46 7.08 -1.13
CA ILE A 334 4.21 6.82 -0.41
C ILE A 334 4.49 5.73 0.63
N GLY A 335 4.00 5.92 1.84
CA GLY A 335 4.19 4.91 2.88
C GLY A 335 5.33 5.24 3.83
N PRO A 336 5.21 4.80 5.10
CA PRO A 336 6.05 5.36 6.14
C PRO A 336 7.40 4.68 6.36
N ARG A 337 7.66 3.58 5.67
CA ARG A 337 8.91 2.85 5.81
C ARG A 337 9.63 2.79 4.48
N PRO A 338 10.87 3.31 4.41
CA PRO A 338 11.58 3.33 3.12
C PRO A 338 11.64 1.97 2.44
N MSE A 339 11.34 1.98 1.14
CA MSE A 339 11.34 0.77 0.31
C MSE A 339 12.65 0.57 -0.39
O MSE A 339 12.82 -0.41 -1.14
CB MSE A 339 10.18 0.87 -0.68
CG MSE A 339 8.89 0.81 0.12
SE MSE A 339 7.37 0.99 -1.10
CE MSE A 339 7.49 2.93 -1.48
N THR A 340 13.59 1.48 -0.14
CA THR A 340 14.93 1.45 -0.71
C THR A 340 15.93 1.23 0.43
N SER A 341 17.18 0.91 0.09
CA SER A 341 18.20 0.64 1.10
C SER A 341 18.79 1.91 1.68
N LEU A 342 18.54 2.11 2.97
CA LEU A 342 19.12 3.24 3.68
C LEU A 342 20.63 3.09 3.85
N SER A 343 21.10 1.86 4.03
CA SER A 343 22.54 1.61 4.17
C SER A 343 23.29 1.95 2.87
N GLU A 344 22.71 1.57 1.74
CA GLU A 344 23.30 1.95 0.45
C GLU A 344 23.32 3.46 0.30
N ALA A 345 22.24 4.14 0.68
CA ALA A 345 22.19 5.60 0.55
C ALA A 345 23.22 6.27 1.45
N ALA A 346 23.35 5.75 2.68
CA ALA A 346 24.33 6.23 3.65
C ALA A 346 25.77 6.05 3.14
N LYS A 347 26.06 4.90 2.53
CA LYS A 347 27.39 4.65 1.94
C LYS A 347 27.67 5.64 0.80
N GLN A 348 26.68 5.86 -0.07
CA GLN A 348 26.84 6.79 -1.20
C GLN A 348 27.08 8.22 -0.72
N ALA A 349 26.41 8.56 0.38
CA ALA A 349 26.53 9.86 1.02
C ALA A 349 27.81 10.01 1.86
N GLY A 350 28.63 8.96 1.89
CA GLY A 350 29.87 8.96 2.66
C GLY A 350 29.68 9.00 4.18
N LEU A 351 28.48 8.70 4.65
CA LEU A 351 28.19 8.62 6.07
C LEU A 351 28.40 7.20 6.57
N ILE A 352 28.14 6.26 5.67
CA ILE A 352 28.53 4.84 5.79
C ILE A 352 27.80 4.00 6.81
N MSE B 23 -31.39 5.40 -22.11
CA MSE B 23 -30.36 5.41 -21.02
C MSE B 23 -30.11 4.03 -20.50
O MSE B 23 -31.02 3.21 -20.46
CB MSE B 23 -30.83 6.23 -19.82
CG MSE B 23 -30.62 7.72 -20.04
SE MSE B 23 -31.35 8.65 -18.46
CE MSE B 23 -33.15 7.86 -18.39
N THR B 24 -28.87 3.77 -20.11
CA THR B 24 -28.53 2.50 -19.49
C THR B 24 -27.87 2.80 -18.13
N ARG B 25 -28.12 1.95 -17.14
CA ARG B 25 -27.56 2.16 -15.80
C ARG B 25 -26.05 2.08 -15.78
N PHE B 26 -25.50 1.14 -16.56
CA PHE B 26 -24.04 0.87 -16.55
C PHE B 26 -23.48 0.89 -17.96
N ASP B 27 -22.30 1.48 -18.09
CA ASP B 27 -21.49 1.33 -19.29
C ASP B 27 -20.74 0.00 -19.33
N VAL B 28 -20.10 -0.35 -18.22
CA VAL B 28 -19.32 -1.58 -18.15
C VAL B 28 -19.55 -2.29 -16.82
N LEU B 29 -20.00 -3.55 -16.91
CA LEU B 29 -19.97 -4.47 -15.79
C LEU B 29 -18.72 -5.34 -15.97
N THR B 30 -17.90 -5.45 -14.92
CA THR B 30 -16.81 -6.45 -15.02
C THR B 30 -17.00 -7.57 -14.00
N VAL B 31 -16.46 -8.74 -14.29
CA VAL B 31 -16.59 -9.91 -13.43
C VAL B 31 -15.23 -10.57 -13.32
N GLY B 32 -14.81 -10.84 -12.09
CA GLY B 32 -13.52 -11.47 -11.90
C GLY B 32 -13.25 -11.92 -10.49
N ASN B 33 -12.03 -12.42 -10.30
CA ASN B 33 -11.54 -12.83 -8.99
C ASN B 33 -11.21 -11.63 -8.11
N ALA B 34 -11.93 -11.48 -7.01
CA ALA B 34 -11.73 -10.35 -6.10
C ALA B 34 -10.51 -10.64 -5.23
N ILE B 35 -9.45 -9.83 -5.37
CA ILE B 35 -8.14 -10.13 -4.78
C ILE B 35 -7.59 -8.88 -4.14
N VAL B 36 -6.93 -9.03 -2.99
CA VAL B 36 -6.08 -7.96 -2.45
C VAL B 36 -4.61 -8.28 -2.76
N ASP B 37 -3.90 -7.30 -3.35
CA ASP B 37 -2.51 -7.48 -3.70
C ASP B 37 -1.62 -7.18 -2.51
N ILE B 38 -0.56 -7.98 -2.38
CA ILE B 38 0.51 -7.78 -1.41
C ILE B 38 1.77 -7.61 -2.26
N ILE B 39 2.36 -6.42 -2.26
CA ILE B 39 3.34 -6.02 -3.28
C ILE B 39 4.70 -5.79 -2.63
N SER B 40 5.75 -6.35 -3.23
CA SER B 40 7.12 -6.14 -2.76
C SER B 40 8.07 -6.16 -3.95
N ARG B 41 9.16 -5.40 -3.85
CA ARG B 41 10.25 -5.49 -4.81
C ARG B 41 11.12 -6.70 -4.48
N CYS B 42 11.68 -7.32 -5.50
CA CYS B 42 12.65 -8.38 -5.27
C CYS B 42 13.73 -8.32 -6.34
N ASN B 43 14.84 -9.00 -6.06
CA ASN B 43 15.89 -9.23 -7.06
C ASN B 43 15.54 -10.42 -7.95
N ASP B 44 16.28 -10.54 -9.05
CA ASP B 44 16.03 -11.55 -10.05
C ASP B 44 16.17 -12.96 -9.46
N GLN B 45 17.16 -13.10 -8.60
CA GLN B 45 17.46 -14.40 -7.99
C GLN B 45 16.32 -14.91 -7.11
N PHE B 46 15.57 -13.99 -6.50
CA PHE B 46 14.43 -14.40 -5.67
C PHE B 46 13.43 -15.27 -6.44
N LEU B 47 13.12 -14.88 -7.67
CA LEU B 47 12.16 -15.63 -8.49
C LEU B 47 12.70 -17.02 -8.82
N ILE B 48 14.00 -17.09 -9.07
CA ILE B 48 14.66 -18.36 -9.38
C ILE B 48 14.67 -19.25 -8.16
N ASP B 49 15.03 -18.68 -7.02
CA ASP B 49 15.17 -19.48 -5.79
C ASP B 49 13.84 -20.08 -5.35
N ASN B 50 12.76 -19.36 -5.65
CA ASN B 50 11.44 -19.74 -5.22
C ASN B 50 10.58 -20.35 -6.32
N GLN B 51 11.21 -20.57 -7.49
CA GLN B 51 10.53 -21.24 -8.60
C GLN B 51 9.22 -20.53 -8.97
N ILE B 52 9.30 -19.20 -9.00
CA ILE B 52 8.20 -18.35 -9.47
C ILE B 52 8.38 -18.02 -10.95
N THR B 53 7.37 -18.32 -11.75
CA THR B 53 7.44 -18.03 -13.18
C THR B 53 7.30 -16.52 -13.38
N LYS B 54 8.35 -15.91 -13.94
CA LYS B 54 8.42 -14.45 -14.11
C LYS B 54 7.33 -13.98 -15.05
N ALA B 55 6.72 -12.85 -14.69
CA ALA B 55 5.71 -12.15 -15.51
C ALA B 55 4.38 -12.88 -15.61
N ALA B 56 4.21 -13.96 -14.86
CA ALA B 56 3.03 -14.79 -14.97
C ALA B 56 2.20 -14.76 -13.69
N MSE B 57 1.00 -15.31 -13.81
CA MSE B 57 0.12 -15.52 -12.67
C MSE B 57 0.34 -16.96 -12.27
O MSE B 57 0.02 -17.90 -13.02
CB MSE B 57 -1.31 -15.23 -13.10
CG MSE B 57 -2.30 -15.04 -11.95
SE MSE B 57 -2.73 -16.72 -11.06
CE MSE B 57 -3.74 -17.56 -12.52
N ASN B 58 0.93 -17.14 -11.08
CA ASN B 58 1.22 -18.45 -10.49
C ASN B 58 0.19 -18.78 -9.41
N LEU B 59 -0.68 -19.75 -9.63
CA LEU B 59 -1.64 -20.18 -8.60
C LEU B 59 -0.92 -20.93 -7.49
N ILE B 60 -1.35 -20.64 -6.26
CA ILE B 60 -0.77 -21.25 -5.07
C ILE B 60 -1.83 -21.70 -4.07
N ASP B 61 -1.51 -22.75 -3.33
CA ASP B 61 -2.38 -23.21 -2.24
C ASP B 61 -2.05 -22.52 -0.94
N ALA B 62 -2.82 -22.82 0.11
CA ALA B 62 -2.69 -22.15 1.40
C ALA B 62 -1.31 -22.35 2.00
N GLU B 63 -0.81 -23.59 1.96
CA GLU B 63 0.52 -23.89 2.48
C GLU B 63 1.60 -23.08 1.76
N ARG B 64 1.54 -23.05 0.42
CA ARG B 64 2.50 -22.27 -0.35
C ARG B 64 2.38 -20.77 -0.08
N ALA B 65 1.15 -20.29 0.11
CA ALA B 65 0.97 -18.87 0.44
C ALA B 65 1.70 -18.51 1.72
N GLU B 66 1.58 -19.35 2.74
CA GLU B 66 2.25 -19.11 4.02
C GLU B 66 3.76 -19.15 3.86
N LEU B 67 4.24 -20.13 3.10
CA LEU B 67 5.68 -20.27 2.87
C LEU B 67 6.23 -19.05 2.13
N LEU B 68 5.65 -18.69 0.98
CA LEU B 68 6.16 -17.53 0.23
C LEU B 68 6.05 -16.24 1.06
N TYR B 69 4.94 -16.03 1.75
CA TYR B 69 4.83 -14.83 2.57
C TYR B 69 5.96 -14.77 3.60
N SER B 70 6.33 -15.91 4.19
CA SER B 70 7.42 -15.92 5.18
C SER B 70 8.75 -15.49 4.59
N ARG B 71 8.91 -15.64 3.27
CA ARG B 71 10.15 -15.25 2.56
C ARG B 71 10.10 -13.85 1.94
N MSE B 72 8.90 -13.27 1.90
CA MSE B 72 8.67 -11.98 1.23
C MSE B 72 9.09 -10.86 2.16
O MSE B 72 8.89 -10.92 3.38
CB MSE B 72 7.18 -11.85 0.97
CG MSE B 72 6.88 -10.55 0.22
SE MSE B 72 4.99 -10.75 -0.17
CE MSE B 72 4.93 -9.58 -1.75
N GLY B 73 9.64 -9.81 1.58
CA GLY B 73 10.03 -8.68 2.38
C GLY B 73 8.84 -7.84 2.84
N PRO B 74 9.12 -6.70 3.49
CA PRO B 74 8.04 -5.75 3.84
C PRO B 74 7.23 -5.39 2.60
N ALA B 75 5.92 -5.37 2.74
CA ALA B 75 5.03 -5.20 1.58
C ALA B 75 4.03 -4.06 1.76
N LEU B 76 3.41 -3.68 0.65
CA LEU B 76 2.27 -2.78 0.65
C LEU B 76 1.06 -3.54 0.16
N GLU B 77 -0.12 -3.19 0.67
CA GLU B 77 -1.35 -3.82 0.20
C GLU B 77 -2.21 -2.86 -0.60
N ALA B 78 -2.83 -3.37 -1.65
CA ALA B 78 -3.70 -2.57 -2.50
C ALA B 78 -4.73 -3.49 -3.12
N SER B 79 -5.98 -3.04 -3.13
CA SER B 79 -7.00 -3.81 -3.80
C SER B 79 -6.62 -4.03 -5.24
N GLY B 80 -6.83 -5.26 -5.69
CA GLY B 80 -6.45 -5.69 -7.03
C GLY B 80 -7.55 -6.49 -7.70
N GLY B 81 -7.18 -7.58 -8.37
CA GLY B 81 -8.12 -8.33 -9.19
C GLY B 81 -8.20 -7.68 -10.56
N SER B 82 -7.86 -8.42 -11.59
CA SER B 82 -7.80 -7.86 -12.94
CA SER B 82 -7.83 -7.87 -12.95
C SER B 82 -9.07 -7.07 -13.33
N ALA B 83 -10.23 -7.73 -13.33
CA ALA B 83 -11.51 -7.09 -13.69
C ALA B 83 -11.87 -5.99 -12.68
N GLY B 84 -11.51 -6.19 -11.40
CA GLY B 84 -11.69 -5.14 -10.37
C GLY B 84 -10.99 -3.85 -10.77
N ASN B 85 -9.72 -3.99 -11.15
CA ASN B 85 -8.93 -2.87 -11.61
C ASN B 85 -9.57 -2.23 -12.86
N THR B 86 -10.05 -3.05 -13.80
CA THR B 86 -10.68 -2.50 -15.01
C THR B 86 -11.94 -1.69 -14.68
N ALA B 87 -12.78 -2.21 -13.80
CA ALA B 87 -13.96 -1.46 -13.41
C ALA B 87 -13.57 -0.13 -12.79
N ALA B 88 -12.59 -0.17 -11.89
CA ALA B 88 -12.13 1.04 -11.21
C ALA B 88 -11.63 2.07 -12.23
N GLY B 89 -10.91 1.60 -13.25
CA GLY B 89 -10.42 2.50 -14.29
C GLY B 89 -11.52 3.15 -15.10
N VAL B 90 -12.56 2.38 -15.44
CA VAL B 90 -13.73 2.92 -16.14
C VAL B 90 -14.37 4.04 -15.32
N ALA B 91 -14.57 3.78 -14.01
CA ALA B 91 -15.20 4.76 -13.12
C ALA B 91 -14.34 6.00 -13.02
N ASN B 92 -13.03 5.80 -12.91
CA ASN B 92 -12.05 6.92 -12.83
C ASN B 92 -12.11 7.83 -14.08
N LEU B 93 -12.23 7.23 -15.26
CA LEU B 93 -12.37 7.97 -16.52
C LEU B 93 -13.70 8.74 -16.68
N GLY B 94 -14.71 8.32 -15.91
CA GLY B 94 -16.00 9.01 -15.94
C GLY B 94 -17.17 8.14 -16.39
N GLY B 95 -16.88 6.88 -16.70
CA GLY B 95 -17.89 5.92 -17.10
C GLY B 95 -18.62 5.33 -15.92
N LYS B 96 -19.69 4.64 -16.17
CA LYS B 96 -20.39 4.02 -15.08
C LYS B 96 -20.16 2.53 -15.06
N ALA B 97 -19.65 2.07 -13.94
CA ALA B 97 -19.15 0.69 -13.84
C ALA B 97 -19.79 -0.08 -12.71
N ALA B 98 -19.86 -1.40 -12.88
CA ALA B 98 -20.29 -2.33 -11.86
C ALA B 98 -19.32 -3.51 -11.83
N TYR B 99 -19.30 -4.23 -10.73
CA TYR B 99 -18.39 -5.37 -10.54
C TYR B 99 -19.06 -6.53 -9.81
N PHE B 100 -18.84 -7.74 -10.31
CA PHE B 100 -19.16 -8.96 -9.53
C PHE B 100 -17.87 -9.67 -9.17
N GLY B 101 -17.70 -10.05 -7.90
CA GLY B 101 -16.53 -10.82 -7.46
C GLY B 101 -16.70 -11.09 -5.98
N ASN B 102 -16.19 -12.22 -5.51
CA ASN B 102 -16.53 -12.66 -4.17
C ASN B 102 -15.35 -12.59 -3.20
N VAL B 103 -15.55 -11.83 -2.13
CA VAL B 103 -14.63 -11.80 -0.98
C VAL B 103 -15.19 -12.57 0.22
N ALA B 104 -14.34 -12.74 1.23
CA ALA B 104 -14.80 -13.30 2.51
C ALA B 104 -15.24 -12.21 3.48
N ALA B 105 -15.94 -12.64 4.55
CA ALA B 105 -16.40 -11.74 5.59
C ALA B 105 -15.24 -11.54 6.58
N ASP B 106 -14.22 -10.83 6.12
CA ASP B 106 -13.01 -10.61 6.89
C ASP B 106 -12.43 -9.23 6.59
N GLN B 107 -11.37 -8.86 7.28
CA GLN B 107 -10.77 -7.52 7.14
C GLN B 107 -10.28 -7.23 5.73
N LEU B 108 -9.68 -8.21 5.07
CA LEU B 108 -9.23 -8.01 3.69
C LEU B 108 -10.41 -7.83 2.73
N GLY B 109 -11.47 -8.58 2.95
CA GLY B 109 -12.68 -8.39 2.19
C GLY B 109 -13.28 -7.01 2.41
N ASP B 110 -13.20 -6.50 3.66
CA ASP B 110 -13.70 -5.15 3.96
C ASP B 110 -12.90 -4.08 3.21
N ILE B 111 -11.58 -4.26 3.14
CA ILE B 111 -10.72 -3.37 2.35
C ILE B 111 -11.10 -3.41 0.88
N PHE B 112 -11.25 -4.61 0.33
CA PHE B 112 -11.59 -4.73 -1.09
C PHE B 112 -12.92 -4.02 -1.37
N THR B 113 -13.90 -4.28 -0.51
CA THR B 113 -15.24 -3.71 -0.67
C THR B 113 -15.16 -2.19 -0.61
N HIS B 114 -14.45 -1.68 0.38
CA HIS B 114 -14.25 -0.24 0.49
C HIS B 114 -13.65 0.38 -0.77
N ASP B 115 -12.57 -0.21 -1.27
CA ASP B 115 -11.79 0.49 -2.31
C ASP B 115 -12.55 0.57 -3.61
N ILE B 116 -13.20 -0.53 -3.98
CA ILE B 116 -13.96 -0.53 -5.25
CA ILE B 116 -13.96 -0.52 -5.24
C ILE B 116 -15.23 0.39 -5.18
N ARG B 117 -15.93 0.34 -4.04
CA ARG B 117 -17.11 1.19 -3.87
C ARG B 117 -16.70 2.66 -3.78
N ALA B 118 -15.53 2.91 -3.18
CA ALA B 118 -15.06 4.29 -3.00
C ALA B 118 -14.72 4.96 -4.33
N GLN B 119 -14.39 4.14 -5.35
CA GLN B 119 -14.12 4.59 -6.70
C GLN B 119 -15.43 4.91 -7.47
N GLY B 120 -16.58 4.57 -6.89
CA GLY B 120 -17.85 4.81 -7.57
C GLY B 120 -18.31 3.66 -8.46
N VAL B 121 -17.76 2.47 -8.20
CA VAL B 121 -18.18 1.23 -8.85
C VAL B 121 -19.29 0.58 -8.02
N HIS B 122 -20.38 0.19 -8.69
CA HIS B 122 -21.45 -0.56 -8.03
C HIS B 122 -20.90 -1.95 -7.67
N TYR B 123 -20.90 -2.28 -6.38
CA TYR B 123 -20.36 -3.58 -5.93
C TYR B 123 -21.18 -4.08 -4.77
N GLN B 124 -21.89 -5.17 -5.03
CA GLN B 124 -22.92 -5.67 -4.11
C GLN B 124 -22.83 -7.18 -3.87
N THR B 125 -21.79 -7.84 -4.37
CA THR B 125 -21.61 -9.29 -4.15
C THR B 125 -21.35 -9.55 -2.67
N LYS B 126 -22.22 -10.37 -2.08
CA LYS B 126 -22.21 -10.64 -0.63
C LYS B 126 -21.22 -11.71 -0.22
N PRO B 127 -20.40 -11.49 0.83
CA PRO B 127 -19.56 -12.58 1.32
C PRO B 127 -20.41 -13.77 1.82
N LYS B 128 -19.86 -14.98 1.67
CA LYS B 128 -20.59 -16.18 2.07
C LYS B 128 -20.18 -16.69 3.46
N GLY B 129 -18.99 -16.33 3.89
CA GLY B 129 -18.48 -16.75 5.21
C GLY B 129 -17.06 -16.23 5.38
N ALA B 130 -16.41 -16.64 6.46
CA ALA B 130 -15.01 -16.24 6.71
C ALA B 130 -13.98 -17.19 6.11
N PHE B 131 -14.41 -18.42 5.78
CA PHE B 131 -13.53 -19.39 5.16
C PHE B 131 -14.20 -19.95 3.90
N PRO B 132 -13.45 -20.02 2.77
CA PRO B 132 -12.05 -19.60 2.62
C PRO B 132 -11.91 -18.08 2.75
N PRO B 133 -10.75 -17.63 3.22
CA PRO B 133 -10.57 -16.19 3.44
C PRO B 133 -10.39 -15.44 2.12
N THR B 134 -10.43 -14.11 2.17
CA THR B 134 -10.30 -13.31 0.96
C THR B 134 -9.00 -13.60 0.21
N ALA B 135 -9.11 -13.70 -1.11
CA ALA B 135 -7.97 -13.96 -1.98
C ALA B 135 -6.90 -12.89 -1.83
N ARG B 136 -5.66 -13.34 -1.94
CA ARG B 136 -4.51 -12.46 -2.02
C ARG B 136 -3.59 -12.90 -3.16
N SER B 137 -2.90 -11.91 -3.72
CA SER B 137 -1.84 -12.18 -4.71
C SER B 137 -0.57 -11.51 -4.24
N MSE B 138 0.46 -12.31 -3.96
CA MSE B 138 1.80 -11.76 -3.67
C MSE B 138 2.44 -11.45 -4.99
O MSE B 138 2.68 -12.35 -5.82
CB MSE B 138 2.65 -12.74 -2.89
CG MSE B 138 2.13 -12.71 -1.47
SE MSE B 138 3.04 -14.10 -0.47
CE MSE B 138 1.77 -15.53 -0.88
N ILE B 139 2.67 -10.16 -5.21
CA ILE B 139 3.20 -9.67 -6.49
C ILE B 139 4.60 -9.16 -6.24
N PHE B 140 5.56 -9.79 -6.93
CA PHE B 140 6.95 -9.42 -6.80
C PHE B 140 7.37 -8.63 -8.02
N VAL B 141 7.86 -7.42 -7.78
CA VAL B 141 8.23 -6.51 -8.85
C VAL B 141 9.76 -6.47 -8.95
N THR B 142 10.28 -6.89 -10.10
CA THR B 142 11.73 -6.90 -10.33
C THR B 142 12.21 -5.52 -10.80
N GLU B 143 13.53 -5.33 -10.87
CA GLU B 143 14.12 -4.02 -11.22
C GLU B 143 13.68 -3.47 -12.57
N ASP B 144 13.37 -4.37 -13.49
CA ASP B 144 12.86 -4.00 -14.82
C ASP B 144 11.40 -3.57 -14.84
N GLY B 145 10.73 -3.60 -13.67
CA GLY B 145 9.34 -3.19 -13.56
C GLY B 145 8.35 -4.32 -13.83
N GLU B 146 8.86 -5.48 -14.25
CA GLU B 146 8.01 -6.65 -14.46
C GLU B 146 7.41 -7.15 -13.16
N ARG B 147 6.21 -7.71 -13.26
CA ARG B 147 5.49 -8.22 -12.08
CA ARG B 147 5.50 -8.22 -12.08
C ARG B 147 5.16 -9.73 -12.18
N SER B 148 5.42 -10.44 -11.08
CA SER B 148 5.22 -11.87 -11.05
C SER B 148 4.31 -12.18 -9.86
N MSE B 149 3.16 -12.78 -10.18
CA MSE B 149 2.04 -12.82 -9.22
C MSE B 149 1.87 -14.21 -8.72
O MSE B 149 2.03 -15.18 -9.47
CB MSE B 149 0.72 -12.39 -9.87
CG MSE B 149 1.00 -11.08 -10.59
SE MSE B 149 -0.69 -10.21 -11.02
CE MSE B 149 -1.26 -11.48 -12.39
N ASN B 150 1.52 -14.33 -7.43
CA ASN B 150 1.37 -15.62 -6.77
C ASN B 150 0.07 -15.59 -6.00
N THR B 151 -0.95 -16.28 -6.53
CA THR B 151 -2.31 -15.99 -6.15
C THR B 151 -2.97 -17.15 -5.43
N TYR B 152 -3.42 -16.87 -4.21
CA TYR B 152 -4.25 -17.80 -3.45
C TYR B 152 -5.70 -17.36 -3.69
N LEU B 153 -6.47 -18.20 -4.37
CA LEU B 153 -7.83 -17.82 -4.76
C LEU B 153 -8.83 -17.67 -3.60
N GLY B 154 -8.62 -18.41 -2.51
CA GLY B 154 -9.50 -18.25 -1.34
C GLY B 154 -10.97 -18.18 -1.71
N ALA B 155 -11.63 -17.14 -1.20
CA ALA B 155 -13.06 -16.95 -1.36
C ALA B 155 -13.54 -16.85 -2.82
N CYS B 156 -12.62 -16.57 -3.75
CA CYS B 156 -12.98 -16.57 -5.16
C CYS B 156 -13.55 -17.91 -5.65
N VAL B 157 -13.23 -19.01 -4.96
CA VAL B 157 -13.77 -20.30 -5.39
C VAL B 157 -15.29 -20.41 -5.19
N GLU B 158 -15.86 -19.49 -4.42
CA GLU B 158 -17.29 -19.54 -4.12
C GLU B 158 -18.14 -18.83 -5.16
N LEU B 159 -17.52 -18.03 -6.04
CA LEU B 159 -18.30 -17.26 -7.02
C LEU B 159 -19.05 -18.22 -7.94
N GLY B 160 -20.35 -17.99 -8.08
CA GLY B 160 -21.20 -18.87 -8.88
C GLY B 160 -22.42 -18.15 -9.43
N PRO B 161 -23.32 -18.89 -10.08
CA PRO B 161 -24.54 -18.29 -10.67
C PRO B 161 -25.37 -17.48 -9.68
N GLU B 162 -25.33 -17.82 -8.40
CA GLU B 162 -26.06 -17.08 -7.36
C GLU B 162 -25.61 -15.62 -7.23
N ASP B 163 -24.45 -15.31 -7.78
CA ASP B 163 -23.86 -13.98 -7.67
C ASP B 163 -24.14 -13.11 -8.89
N VAL B 164 -24.89 -13.66 -9.85
CA VAL B 164 -25.29 -12.87 -11.01
C VAL B 164 -26.48 -11.98 -10.64
N GLU B 165 -26.25 -10.67 -10.60
CA GLU B 165 -27.33 -9.70 -10.46
C GLU B 165 -27.87 -9.43 -11.86
N ALA B 166 -28.98 -10.08 -12.20
CA ALA B 166 -29.42 -10.16 -13.60
C ALA B 166 -29.81 -8.79 -14.15
N ASP B 167 -30.40 -7.97 -13.27
CA ASP B 167 -30.78 -6.60 -13.64
C ASP B 167 -29.56 -5.75 -14.01
N VAL B 168 -28.45 -5.99 -13.34
CA VAL B 168 -27.21 -5.26 -13.62
C VAL B 168 -26.71 -5.70 -15.00
N VAL B 169 -26.64 -7.01 -15.26
CA VAL B 169 -26.16 -7.48 -16.58
C VAL B 169 -27.09 -6.92 -17.69
N ALA B 170 -28.40 -7.00 -17.45
CA ALA B 170 -29.43 -6.55 -18.42
C ALA B 170 -29.23 -5.06 -18.77
N ASP B 171 -28.75 -4.32 -17.77
CA ASP B 171 -28.57 -2.86 -17.81
C ASP B 171 -27.14 -2.34 -18.04
N ALA B 172 -26.25 -3.18 -18.58
CA ALA B 172 -24.84 -2.81 -18.81
C ALA B 172 -24.51 -2.88 -20.29
N LYS B 173 -23.97 -1.80 -20.86
CA LYS B 173 -23.66 -1.80 -22.28
C LYS B 173 -22.72 -2.95 -22.66
N VAL B 174 -21.65 -3.11 -21.88
CA VAL B 174 -20.72 -4.25 -22.03
C VAL B 174 -20.54 -4.98 -20.69
N THR B 175 -20.58 -6.32 -20.72
CA THR B 175 -20.13 -7.18 -19.61
C THR B 175 -18.80 -7.81 -20.01
N TYR B 176 -17.78 -7.55 -19.19
CA TYR B 176 -16.39 -7.97 -19.43
C TYR B 176 -15.92 -8.88 -18.32
N PHE B 177 -15.27 -9.98 -18.70
CA PHE B 177 -14.82 -10.93 -17.69
C PHE B 177 -13.41 -11.45 -17.95
N GLU B 178 -12.81 -12.01 -16.90
CA GLU B 178 -11.46 -12.56 -16.97
C GLU B 178 -11.45 -14.01 -17.43
N GLY B 179 -10.52 -14.33 -18.32
CA GLY B 179 -10.13 -15.71 -18.56
C GLY B 179 -9.71 -16.41 -17.27
N TYR B 180 -9.16 -15.65 -16.33
CA TYR B 180 -8.79 -16.17 -14.98
C TYR B 180 -9.96 -16.85 -14.27
N LEU B 181 -11.19 -16.50 -14.64
CA LEU B 181 -12.36 -17.13 -14.00
C LEU B 181 -12.53 -18.62 -14.31
N TRP B 182 -11.76 -19.14 -15.27
CA TRP B 182 -11.84 -20.55 -15.60
C TRP B 182 -11.10 -21.43 -14.57
N ASP B 183 -10.28 -20.84 -13.70
CA ASP B 183 -9.62 -21.61 -12.64
C ASP B 183 -10.57 -22.01 -11.49
N PRO B 184 -11.27 -21.05 -10.85
CA PRO B 184 -12.25 -21.47 -9.81
C PRO B 184 -13.34 -22.31 -10.44
N PRO B 185 -14.04 -23.13 -9.64
CA PRO B 185 -14.85 -24.19 -10.27
C PRO B 185 -16.17 -23.77 -10.92
N ARG B 186 -16.85 -22.79 -10.34
CA ARG B 186 -18.22 -22.51 -10.72
C ARG B 186 -18.39 -21.16 -11.39
N ALA B 187 -17.32 -20.37 -11.47
CA ALA B 187 -17.43 -19.03 -12.03
C ALA B 187 -17.87 -19.03 -13.49
N LYS B 188 -17.43 -20.03 -14.26
CA LYS B 188 -17.82 -20.15 -15.66
C LYS B 188 -19.33 -20.27 -15.83
N GLU B 189 -20.02 -20.89 -14.88
CA GLU B 189 -21.49 -20.98 -14.92
C GLU B 189 -22.13 -19.60 -14.80
N ALA B 190 -21.57 -18.76 -13.93
CA ALA B 190 -22.01 -17.38 -13.82
C ALA B 190 -21.82 -16.62 -15.12
N ILE B 191 -20.64 -16.80 -15.74
CA ILE B 191 -20.34 -16.14 -17.01
C ILE B 191 -21.28 -16.56 -18.13
N LEU B 192 -21.58 -17.85 -18.25
CA LEU B 192 -22.58 -18.29 -19.22
C LEU B 192 -23.97 -17.66 -19.01
N ASP B 193 -24.38 -17.53 -17.76
CA ASP B 193 -25.64 -16.86 -17.46
C ASP B 193 -25.54 -15.38 -17.88
N CYS B 194 -24.40 -14.74 -17.59
CA CYS B 194 -24.19 -13.37 -18.03
C CYS B 194 -24.32 -13.19 -19.54
N ALA B 195 -23.66 -14.04 -20.33
CA ALA B 195 -23.70 -13.94 -21.77
C ALA B 195 -25.12 -14.10 -22.27
N ARG B 196 -25.89 -15.02 -21.68
CA ARG B 196 -27.28 -15.21 -22.09
C ARG B 196 -28.09 -13.94 -21.83
N ILE B 197 -27.98 -13.41 -20.61
CA ILE B 197 -28.73 -12.22 -20.23
C ILE B 197 -28.33 -10.99 -21.06
N ALA B 198 -27.03 -10.78 -21.22
CA ALA B 198 -26.48 -9.65 -21.99
C ALA B 198 -26.97 -9.67 -23.42
N HIS B 199 -26.89 -10.84 -24.05
CA HIS B 199 -27.26 -10.95 -25.45
C HIS B 199 -28.79 -10.87 -25.65
N GLN B 200 -29.57 -11.38 -24.69
CA GLN B 200 -31.04 -11.25 -24.72
C GLN B 200 -31.44 -9.78 -24.70
N HIS B 201 -30.61 -8.94 -24.10
CA HIS B 201 -30.89 -7.53 -23.96
C HIS B 201 -30.14 -6.65 -24.92
N GLY B 202 -29.49 -7.27 -25.92
CA GLY B 202 -28.80 -6.54 -26.95
C GLY B 202 -27.52 -5.88 -26.50
N ARG B 203 -26.95 -6.38 -25.41
CA ARG B 203 -25.67 -5.90 -24.93
C ARG B 203 -24.53 -6.68 -25.57
N GLU B 204 -23.30 -6.28 -25.23
CA GLU B 204 -22.12 -6.96 -25.73
C GLU B 204 -21.31 -7.59 -24.61
N MSE B 205 -20.70 -8.73 -24.93
CA MSE B 205 -19.84 -9.47 -24.00
C MSE B 205 -18.40 -9.34 -24.41
O MSE B 205 -18.06 -9.37 -25.60
CB MSE B 205 -20.14 -10.97 -24.08
CG MSE B 205 -21.49 -11.42 -23.53
SE MSE B 205 -21.63 -11.00 -21.62
CE MSE B 205 -20.11 -12.07 -20.99
N SER B 206 -17.52 -9.25 -23.41
CA SER B 206 -16.09 -9.10 -23.67
C SER B 206 -15.29 -9.93 -22.69
N MSE B 207 -14.14 -10.42 -23.14
CA MSE B 207 -13.23 -11.10 -22.23
C MSE B 207 -11.81 -10.72 -22.46
O MSE B 207 -11.45 -10.24 -23.53
CB MSE B 207 -13.38 -12.61 -22.33
CG MSE B 207 -12.42 -13.17 -23.36
SE MSE B 207 -12.75 -15.10 -23.44
CE MSE B 207 -11.78 -15.56 -21.78
N THR B 208 -11.00 -10.89 -21.43
CA THR B 208 -9.55 -10.83 -21.57
C THR B 208 -8.98 -12.23 -21.43
N LEU B 209 -7.99 -12.54 -22.26
CA LEU B 209 -7.27 -13.81 -22.16
C LEU B 209 -6.44 -13.95 -20.88
N SER B 210 -6.19 -12.83 -20.20
CA SER B 210 -5.62 -12.76 -18.84
C SER B 210 -4.14 -13.07 -18.67
N ASP B 211 -3.70 -14.21 -19.17
CA ASP B 211 -2.34 -14.69 -18.89
C ASP B 211 -2.03 -15.85 -19.84
N SER B 212 -0.80 -15.90 -20.34
CA SER B 212 -0.46 -16.91 -21.36
C SER B 212 -0.62 -18.36 -20.88
N PHE B 213 -0.32 -18.61 -19.60
CA PHE B 213 -0.51 -19.93 -19.01
C PHE B 213 -1.97 -20.26 -18.78
N CYS B 214 -2.77 -19.23 -18.46
CA CYS B 214 -4.22 -19.38 -18.36
C CYS B 214 -4.77 -19.81 -19.73
N VAL B 215 -4.27 -19.20 -20.79
CA VAL B 215 -4.64 -19.61 -22.15
C VAL B 215 -4.20 -21.05 -22.41
N ASP B 216 -2.97 -21.41 -22.06
CA ASP B 216 -2.56 -22.83 -22.19
C ASP B 216 -3.57 -23.76 -21.49
N ARG B 217 -4.10 -23.37 -20.32
CA ARG B 217 -5.04 -24.27 -19.59
C ARG B 217 -6.41 -24.38 -20.26
N TYR B 218 -6.86 -23.31 -20.91
CA TYR B 218 -8.27 -23.20 -21.35
C TYR B 218 -8.43 -22.79 -22.81
N ARG B 219 -7.39 -23.06 -23.60
CA ARG B 219 -7.32 -22.66 -25.00
CA ARG B 219 -7.33 -22.66 -25.01
C ARG B 219 -8.61 -23.04 -25.76
N GLY B 220 -8.97 -24.32 -25.70
CA GLY B 220 -10.14 -24.83 -26.40
C GLY B 220 -11.42 -24.13 -25.94
N GLU B 221 -11.59 -23.98 -24.64
CA GLU B 221 -12.78 -23.34 -24.12
C GLU B 221 -12.88 -21.85 -24.51
N PHE B 222 -11.74 -21.16 -24.49
CA PHE B 222 -11.71 -19.75 -24.90
C PHE B 222 -12.08 -19.57 -26.37
N LEU B 223 -11.51 -20.39 -27.25
CA LEU B 223 -11.88 -20.37 -28.67
C LEU B 223 -13.36 -20.66 -28.86
N ASP B 224 -13.91 -21.58 -28.07
CA ASP B 224 -15.34 -21.89 -28.14
C ASP B 224 -16.20 -20.70 -27.73
N LEU B 225 -15.79 -20.01 -26.68
CA LEU B 225 -16.52 -18.81 -26.26
C LEU B 225 -16.59 -17.80 -27.39
N MSE B 226 -15.48 -17.65 -28.11
CA MSE B 226 -15.41 -16.69 -29.23
C MSE B 226 -16.21 -17.14 -30.42
O MSE B 226 -17.03 -16.38 -30.95
CB MSE B 226 -13.95 -16.43 -29.61
CG MSE B 226 -13.21 -15.76 -28.45
SE MSE B 226 -11.27 -15.99 -28.65
CE MSE B 226 -10.92 -14.82 -30.18
N ARG B 227 -15.98 -18.37 -30.86
CA ARG B 227 -16.60 -18.89 -32.07
C ARG B 227 -18.11 -19.10 -31.98
N SER B 228 -18.59 -19.40 -30.78
CA SER B 228 -20.03 -19.55 -30.54
C SER B 228 -20.72 -18.20 -30.38
N GLY B 229 -19.93 -17.12 -30.33
CA GLY B 229 -20.50 -15.79 -30.20
C GLY B 229 -20.80 -15.37 -28.76
N LYS B 230 -20.38 -16.16 -27.77
CA LYS B 230 -20.65 -15.83 -26.34
C LYS B 230 -19.88 -14.59 -25.97
N VAL B 231 -18.69 -14.44 -26.58
CA VAL B 231 -17.82 -13.27 -26.41
CA VAL B 231 -17.88 -13.24 -26.41
C VAL B 231 -17.75 -12.47 -27.72
N ASP B 232 -17.98 -11.16 -27.65
CA ASP B 232 -17.95 -10.28 -28.83
C ASP B 232 -16.61 -9.58 -29.00
N ILE B 233 -16.03 -9.13 -27.89
CA ILE B 233 -14.82 -8.30 -27.89
C ILE B 233 -13.75 -8.99 -27.05
N VAL B 234 -12.59 -9.26 -27.65
CA VAL B 234 -11.52 -9.97 -26.93
CA VAL B 234 -11.54 -9.96 -26.91
C VAL B 234 -10.29 -9.10 -26.74
N PHE B 235 -9.77 -9.09 -25.51
CA PHE B 235 -8.49 -8.46 -25.19
C PHE B 235 -7.39 -9.49 -25.01
N ALA B 236 -6.22 -9.23 -25.59
CA ALA B 236 -5.08 -10.12 -25.50
C ALA B 236 -3.82 -9.27 -25.51
N ASN B 237 -2.75 -9.72 -24.84
CA ASN B 237 -1.42 -9.19 -25.18
C ASN B 237 -0.75 -10.10 -26.23
N ARG B 238 0.45 -9.71 -26.65
CA ARG B 238 1.15 -10.47 -27.70
C ARG B 238 1.34 -11.93 -27.30
N GLN B 239 1.83 -12.17 -26.09
CA GLN B 239 2.09 -13.53 -25.61
C GLN B 239 0.80 -14.37 -25.55
N GLU B 240 -0.29 -13.77 -25.10
CA GLU B 240 -1.58 -14.48 -25.01
C GLU B 240 -2.10 -14.85 -26.40
N ALA B 241 -1.94 -13.94 -27.36
CA ALA B 241 -2.38 -14.21 -28.73
C ALA B 241 -1.59 -15.35 -29.36
N LEU B 242 -0.28 -15.32 -29.14
CA LEU B 242 0.60 -16.40 -29.61
C LEU B 242 0.23 -17.74 -28.97
N SER B 243 -0.09 -17.70 -27.68
N SER B 243 -0.09 -17.72 -27.68
CA SER B 243 -0.45 -18.89 -26.94
CA SER B 243 -0.45 -18.94 -26.97
C SER B 243 -1.79 -19.45 -27.40
C SER B 243 -1.81 -19.47 -27.45
N LEU B 244 -2.72 -18.56 -27.74
CA LEU B 244 -4.08 -18.98 -28.16
C LEU B 244 -4.02 -19.87 -29.38
N TYR B 245 -3.11 -19.55 -30.30
CA TYR B 245 -2.95 -20.32 -31.55
C TYR B 245 -1.69 -21.18 -31.58
N GLN B 246 -0.95 -21.22 -30.47
CA GLN B 246 0.24 -22.05 -30.33
C GLN B 246 1.23 -21.81 -31.48
N THR B 247 1.47 -20.52 -31.73
CA THR B 247 2.31 -20.11 -32.84
C THR B 247 3.39 -19.15 -32.36
N ASP B 248 4.47 -19.08 -33.13
CA ASP B 248 5.51 -18.08 -32.96
C ASP B 248 5.32 -16.89 -33.90
N ASP B 249 4.34 -17.00 -34.80
CA ASP B 249 4.12 -16.03 -35.85
C ASP B 249 3.03 -15.06 -35.43
N PHE B 250 3.42 -13.85 -35.05
CA PHE B 250 2.43 -12.86 -34.57
C PHE B 250 1.44 -12.44 -35.65
N GLU B 251 1.88 -12.38 -36.91
CA GLU B 251 0.96 -12.05 -37.98
C GLU B 251 -0.13 -13.12 -38.12
N GLU B 252 0.25 -14.39 -38.01
CA GLU B 252 -0.73 -15.47 -38.00
C GLU B 252 -1.73 -15.28 -36.86
N ALA B 253 -1.22 -14.99 -35.67
CA ALA B 253 -2.09 -14.82 -34.50
C ALA B 253 -3.09 -13.68 -34.71
N LEU B 254 -2.64 -12.56 -35.26
CA LEU B 254 -3.55 -11.45 -35.56
C LEU B 254 -4.63 -11.81 -36.57
N ASN B 255 -4.23 -12.48 -37.65
CA ASN B 255 -5.19 -12.93 -38.66
C ASN B 255 -6.22 -13.91 -38.06
N ARG B 256 -5.74 -14.85 -37.25
CA ARG B 256 -6.64 -15.84 -36.69
C ARG B 256 -7.58 -15.25 -35.63
N ILE B 257 -7.06 -14.37 -34.77
CA ILE B 257 -7.91 -13.77 -33.75
C ILE B 257 -9.02 -12.90 -34.36
N ALA B 258 -8.69 -12.19 -35.44
CA ALA B 258 -9.67 -11.39 -36.18
C ALA B 258 -10.80 -12.25 -36.78
N ALA B 259 -10.49 -13.49 -37.12
CA ALA B 259 -11.48 -14.40 -37.70
C ALA B 259 -12.36 -15.04 -36.62
N ASP B 260 -11.88 -15.03 -35.37
CA ASP B 260 -12.56 -15.72 -34.28
C ASP B 260 -13.49 -14.89 -33.42
N CYS B 261 -13.38 -13.56 -33.52
CA CYS B 261 -14.22 -12.69 -32.72
CA CYS B 261 -14.12 -12.63 -32.67
C CYS B 261 -14.52 -11.42 -33.48
N LYS B 262 -15.57 -10.70 -33.06
CA LYS B 262 -16.01 -9.51 -33.79
C LYS B 262 -14.99 -8.37 -33.73
N ILE B 263 -14.48 -8.10 -32.53
CA ILE B 263 -13.46 -7.08 -32.31
C ILE B 263 -12.39 -7.68 -31.41
N ALA B 264 -11.12 -7.54 -31.79
CA ALA B 264 -9.98 -7.95 -30.95
C ALA B 264 -9.10 -6.73 -30.68
N ALA B 265 -8.68 -6.56 -29.43
CA ALA B 265 -7.73 -5.52 -29.08
C ALA B 265 -6.47 -6.22 -28.56
N VAL B 266 -5.37 -6.08 -29.30
CA VAL B 266 -4.15 -6.78 -28.96
C VAL B 266 -3.08 -5.78 -28.50
N THR B 267 -2.64 -5.90 -27.27
CA THR B 267 -1.63 -5.00 -26.73
C THR B 267 -0.23 -5.53 -26.95
N MSE B 268 0.73 -4.62 -27.10
CA MSE B 268 2.08 -4.97 -27.37
C MSE B 268 3.06 -4.14 -26.55
O MSE B 268 4.13 -3.82 -26.98
CB MSE B 268 2.33 -4.85 -28.86
CG MSE B 268 1.21 -5.45 -29.67
SE MSE B 268 1.57 -5.11 -31.55
CE MSE B 268 0.83 -3.36 -31.73
N SER B 269 2.70 -3.83 -25.35
CA SER B 269 3.56 -3.16 -24.42
C SER B 269 4.12 -1.88 -25.01
N GLU B 270 5.43 -1.72 -25.01
CA GLU B 270 6.03 -0.49 -25.53
C GLU B 270 5.77 -0.26 -27.02
N ASN B 271 5.28 -1.29 -27.71
CA ASN B 271 4.95 -1.19 -29.13
C ASN B 271 3.49 -0.77 -29.39
N GLY B 272 2.77 -0.45 -28.32
CA GLY B 272 1.43 0.08 -28.43
C GLY B 272 0.38 -1.00 -28.51
N ALA B 273 -0.57 -0.85 -29.42
CA ALA B 273 -1.66 -1.84 -29.57
C ALA B 273 -2.17 -1.86 -31.01
N VAL B 274 -2.90 -2.91 -31.34
CA VAL B 274 -3.58 -3.00 -32.63
C VAL B 274 -5.01 -3.47 -32.39
N ILE B 275 -5.96 -2.79 -33.02
CA ILE B 275 -7.39 -3.09 -32.87
C ILE B 275 -7.84 -3.70 -34.19
N LEU B 276 -8.49 -4.85 -34.10
CA LEU B 276 -8.92 -5.56 -35.29
C LEU B 276 -10.43 -5.68 -35.32
N LYS B 277 -11.02 -5.42 -36.50
CA LYS B 277 -12.44 -5.67 -36.71
C LYS B 277 -12.65 -6.14 -38.15
N GLY B 278 -12.94 -7.42 -38.33
CA GLY B 278 -13.04 -7.99 -39.68
C GLY B 278 -11.69 -7.87 -40.34
N ARG B 279 -11.64 -7.15 -41.46
CA ARG B 279 -10.40 -6.83 -42.18
C ARG B 279 -9.78 -5.49 -41.76
N GLU B 280 -10.50 -4.73 -40.93
CA GLU B 280 -10.01 -3.43 -40.42
C GLU B 280 -8.89 -3.66 -39.39
N ARG B 281 -7.84 -2.86 -39.47
CA ARG B 281 -6.79 -2.83 -38.45
C ARG B 281 -6.46 -1.39 -38.11
N TYR B 282 -6.35 -1.12 -36.81
CA TYR B 282 -5.98 0.21 -36.32
C TYR B 282 -4.83 0.13 -35.34
N TYR B 283 -3.68 0.66 -35.75
CA TYR B 283 -2.49 0.65 -34.91
C TYR B 283 -2.43 1.91 -34.07
N VAL B 284 -2.08 1.73 -32.80
CA VAL B 284 -1.98 2.85 -31.86
C VAL B 284 -0.63 2.79 -31.14
N ASN B 285 0.04 3.94 -31.04
CA ASN B 285 1.32 4.04 -30.35
C ASN B 285 1.17 4.01 -28.84
N ALA B 286 2.17 3.44 -28.16
CA ALA B 286 2.30 3.59 -26.72
C ALA B 286 2.58 5.06 -26.41
N ILE B 287 2.12 5.55 -25.25
CA ILE B 287 2.49 6.90 -24.83
C ILE B 287 3.93 6.92 -24.33
N ARG B 288 4.50 8.12 -24.26
CA ARG B 288 5.82 8.29 -23.68
C ARG B 288 5.69 8.23 -22.16
N ILE B 289 6.63 7.53 -21.53
CA ILE B 289 6.62 7.37 -20.08
C ILE B 289 7.96 7.79 -19.49
N ARG B 290 7.94 8.21 -18.22
CA ARG B 290 9.16 8.60 -17.52
C ARG B 290 9.97 7.38 -17.10
N GLU B 291 9.31 6.41 -16.48
CA GLU B 291 9.96 5.17 -16.05
C GLU B 291 8.93 4.07 -15.86
N VAL B 292 9.32 2.84 -16.16
CA VAL B 292 8.49 1.67 -15.82
C VAL B 292 8.71 1.35 -14.34
N VAL B 293 7.80 1.78 -13.49
CA VAL B 293 7.88 1.54 -12.06
C VAL B 293 7.38 0.12 -11.72
N ASP B 294 6.22 -0.22 -12.24
CA ASP B 294 5.55 -1.47 -11.89
C ASP B 294 4.48 -1.71 -12.96
N THR B 295 4.64 -2.76 -13.75
CA THR B 295 3.73 -3.03 -14.83
C THR B 295 2.35 -3.62 -14.37
N THR B 296 2.20 -3.89 -13.09
CA THR B 296 0.93 -4.43 -12.60
C THR B 296 -0.25 -3.56 -13.02
N GLY B 297 -1.23 -4.18 -13.68
CA GLY B 297 -2.44 -3.46 -14.07
C GLY B 297 -2.46 -2.91 -15.48
N ALA B 298 -1.34 -3.00 -16.20
CA ALA B 298 -1.25 -2.38 -17.53
C ALA B 298 -2.39 -2.84 -18.46
N GLY B 299 -2.54 -4.15 -18.60
CA GLY B 299 -3.56 -4.69 -19.46
C GLY B 299 -4.95 -4.38 -18.93
N ASP B 300 -5.11 -4.36 -17.61
CA ASP B 300 -6.44 -4.11 -17.01
C ASP B 300 -6.88 -2.68 -17.36
N LEU B 301 -5.92 -1.77 -17.28
CA LEU B 301 -6.21 -0.34 -17.56
C LEU B 301 -6.29 -0.03 -19.05
N PHE B 302 -5.54 -0.75 -19.89
CA PHE B 302 -5.84 -0.68 -21.31
C PHE B 302 -7.33 -1.01 -21.58
N ALA B 303 -7.84 -2.09 -20.97
CA ALA B 303 -9.22 -2.46 -21.16
C ALA B 303 -10.16 -1.35 -20.60
N SER B 304 -9.78 -0.73 -19.48
CA SER B 304 -10.58 0.41 -18.96
C SER B 304 -10.74 1.52 -19.99
N GLY B 305 -9.62 1.96 -20.54
CA GLY B 305 -9.66 3.05 -21.50
C GLY B 305 -10.38 2.65 -22.77
N PHE B 306 -10.07 1.45 -23.28
CA PHE B 306 -10.75 0.98 -24.48
C PHE B 306 -12.27 0.90 -24.31
N LEU B 307 -12.71 0.29 -23.21
CA LEU B 307 -14.14 0.06 -22.98
C LEU B 307 -14.86 1.36 -22.65
N TYR B 308 -14.17 2.26 -21.94
CA TYR B 308 -14.72 3.61 -21.72
C TYR B 308 -15.00 4.29 -23.07
N GLY B 309 -13.98 4.35 -23.92
CA GLY B 309 -14.17 4.94 -25.23
C GLY B 309 -15.25 4.24 -26.02
N TYR B 310 -15.30 2.90 -25.93
CA TYR B 310 -16.23 2.13 -26.75
C TYR B 310 -17.67 2.42 -26.37
N THR B 311 -17.91 2.51 -25.07
CA THR B 311 -19.25 2.75 -24.57
C THR B 311 -19.62 4.25 -24.62
N GLN B 312 -18.66 5.10 -24.95
CA GLN B 312 -18.93 6.51 -25.27
C GLN B 312 -19.13 6.76 -26.78
N GLY B 313 -19.14 5.69 -27.58
CA GLY B 313 -19.33 5.79 -29.03
C GLY B 313 -18.12 6.26 -29.83
N ARG B 314 -16.93 6.12 -29.26
CA ARG B 314 -15.70 6.59 -29.91
C ARG B 314 -15.20 5.61 -30.98
N SER B 315 -14.42 6.11 -31.94
CA SER B 315 -13.83 5.27 -32.96
C SER B 315 -12.92 4.22 -32.31
N LEU B 316 -12.73 3.10 -32.99
CA LEU B 316 -11.86 2.06 -32.47
C LEU B 316 -10.43 2.55 -32.26
N GLU B 317 -9.95 3.44 -33.15
CA GLU B 317 -8.61 4.02 -32.95
C GLU B 317 -8.55 4.84 -31.66
N ASP B 318 -9.59 5.65 -31.42
CA ASP B 318 -9.65 6.45 -30.21
C ASP B 318 -9.81 5.58 -28.96
N CYS B 319 -10.53 4.47 -29.09
CA CYS B 319 -10.62 3.51 -27.99
C CYS B 319 -9.24 2.97 -27.65
N GLY B 320 -8.47 2.65 -28.68
CA GLY B 320 -7.10 2.21 -28.48
C GLY B 320 -6.24 3.30 -27.85
N LYS B 321 -6.44 4.55 -28.28
CA LYS B 321 -5.67 5.65 -27.73
C LYS B 321 -5.95 5.85 -26.23
N LEU B 322 -7.22 5.79 -25.85
CA LEU B 322 -7.61 5.86 -24.44
C LEU B 322 -7.04 4.70 -23.63
N GLY B 323 -7.08 3.50 -24.19
CA GLY B 323 -6.44 2.32 -23.58
C GLY B 323 -4.94 2.49 -23.35
N CYS B 324 -4.23 2.98 -24.37
CA CYS B 324 -2.79 3.17 -24.21
C CYS B 324 -2.48 4.26 -23.18
N LEU B 325 -3.31 5.30 -23.13
CA LEU B 325 -3.10 6.34 -22.14
C LEU B 325 -3.24 5.79 -20.70
N ALA B 326 -4.32 5.06 -20.46
CA ALA B 326 -4.56 4.54 -19.12
C ALA B 326 -3.47 3.54 -18.71
N ALA B 327 -3.11 2.65 -19.63
CA ALA B 327 -2.09 1.65 -19.36
C ALA B 327 -0.75 2.31 -19.05
N GLY B 328 -0.36 3.29 -19.86
CA GLY B 328 0.89 4.02 -19.64
C GLY B 328 0.95 4.77 -18.32
N ILE B 329 -0.20 5.29 -17.89
CA ILE B 329 -0.25 5.94 -16.59
C ILE B 329 -0.06 4.92 -15.46
N VAL B 330 -0.74 3.77 -15.53
CA VAL B 330 -0.69 2.86 -14.38
C VAL B 330 0.69 2.24 -14.14
N ILE B 331 1.48 2.05 -15.21
CA ILE B 331 2.80 1.43 -15.04
C ILE B 331 3.84 2.36 -14.44
N GLN B 332 3.49 3.64 -14.28
CA GLN B 332 4.38 4.63 -13.67
C GLN B 332 4.12 4.84 -12.17
N GLN B 333 3.35 3.94 -11.56
CA GLN B 333 3.08 4.03 -10.13
C GLN B 333 3.14 2.64 -9.54
N ILE B 334 3.32 2.57 -8.22
CA ILE B 334 3.21 1.31 -7.50
C ILE B 334 1.72 1.03 -7.30
N GLY B 335 1.29 -0.20 -7.57
CA GLY B 335 -0.11 -0.57 -7.34
C GLY B 335 -0.96 -0.53 -8.60
N PRO B 336 -2.03 -1.33 -8.63
CA PRO B 336 -2.72 -1.63 -9.87
C PRO B 336 -3.84 -0.67 -10.32
N ARG B 337 -4.23 0.28 -9.48
CA ARG B 337 -5.29 1.20 -9.82
C ARG B 337 -4.77 2.62 -9.78
N PRO B 338 -4.86 3.37 -10.90
CA PRO B 338 -4.31 4.73 -10.93
C PRO B 338 -4.79 5.58 -9.76
N MSE B 339 -3.86 6.25 -9.11
CA MSE B 339 -4.14 7.14 -7.98
C MSE B 339 -4.37 8.55 -8.45
O MSE B 339 -4.69 9.43 -7.64
CB MSE B 339 -2.97 7.02 -7.00
CG MSE B 339 -3.07 5.66 -6.32
SE MSE B 339 -1.53 5.39 -5.12
CE MSE B 339 -0.11 5.33 -6.48
N THR B 340 -4.26 8.77 -9.75
CA THR B 340 -4.45 10.08 -10.35
C THR B 340 -5.70 10.05 -11.24
N SER B 341 -6.19 11.22 -11.64
CA SER B 341 -7.41 11.31 -12.43
C SER B 341 -7.15 10.97 -13.90
N LEU B 342 -7.75 9.89 -14.36
CA LEU B 342 -7.61 9.49 -15.77
C LEU B 342 -8.38 10.40 -16.71
N SER B 343 -9.52 10.90 -16.23
CA SER B 343 -10.31 11.85 -17.00
C SER B 343 -9.54 13.15 -17.23
N GLU B 344 -8.86 13.65 -16.20
CA GLU B 344 -7.99 14.82 -16.39
C GLU B 344 -6.86 14.55 -17.38
N ALA B 345 -6.25 13.37 -17.31
CA ALA B 345 -5.16 13.03 -18.23
C ALA B 345 -5.65 12.94 -19.67
N ALA B 346 -6.83 12.33 -19.85
CA ALA B 346 -7.46 12.19 -21.15
C ALA B 346 -7.80 13.57 -21.75
N LYS B 347 -8.29 14.47 -20.92
CA LYS B 347 -8.59 15.85 -21.34
C LYS B 347 -7.33 16.56 -21.81
N GLN B 348 -6.27 16.47 -21.00
CA GLN B 348 -4.98 17.06 -21.33
C GLN B 348 -4.39 16.49 -22.62
N ALA B 349 -4.60 15.19 -22.85
CA ALA B 349 -4.10 14.51 -24.06
C ALA B 349 -4.95 14.79 -25.30
N GLY B 350 -6.00 15.62 -25.14
CA GLY B 350 -6.94 15.90 -26.21
C GLY B 350 -7.79 14.72 -26.67
N LEU B 351 -7.93 13.72 -25.81
CA LEU B 351 -8.73 12.54 -26.13
C LEU B 351 -10.19 12.71 -25.68
N ILE B 352 -10.41 13.52 -24.66
CA ILE B 352 -11.76 13.95 -24.27
C ILE B 352 -11.78 15.45 -23.97
O5' ADN C . 4.79 9.12 11.99
C5' ADN C . 3.89 8.55 11.00
C4' ADN C . 3.24 7.31 11.61
O4' ADN C . 2.48 7.67 12.76
C3' ADN C . 2.26 6.55 10.71
O3' ADN C . 2.95 5.43 10.09
C2' ADN C . 1.15 6.11 11.68
O2' ADN C . 0.89 4.71 11.72
C1' ADN C . 1.68 6.54 13.02
N9 ADN C . 0.65 6.88 14.00
C8 ADN C . -0.57 7.45 13.81
N7 ADN C . -1.21 7.57 14.98
C5 ADN C . -0.40 7.09 15.93
C6 ADN C . -0.52 6.88 17.38
N6 ADN C . -1.61 7.30 18.07
N1 ADN C . 0.51 6.29 17.98
C2 ADN C . 1.63 5.90 17.32
N3 ADN C . 1.81 6.04 16.01
C4 ADN C . 0.82 6.60 15.29
C6 1PJ D . -13.15 0.20 11.30
C5 1PJ D . -13.40 -2.31 13.43
C4 1PJ D . -14.80 -0.20 13.94
C2 1PJ D . -12.66 -0.01 12.60
O8 1PJ D . -12.54 -2.79 12.66
O9 1PJ D . -14.19 -3.02 14.10
C1 1PJ D . -13.46 -0.81 13.56
C3 1PJ D . -13.66 -0.26 14.96
C10 1PJ D . -12.41 0.95 10.40
C12 1PJ D . -11.16 1.47 10.80
O13 1PJ D . -10.37 2.20 9.93
C14 1PJ D . -10.71 2.20 8.55
C11 1PJ D . -10.67 1.27 12.09
C7 1PJ D . -11.42 0.53 12.99
N14 1PK E . -5.69 -13.93 11.72
C11 1PK E . -5.21 -14.53 12.83
N5 1PK E . -3.96 -14.28 13.28
N7 1PK E . -6.03 -15.40 13.49
C3 1PK E . -5.60 -16.03 14.61
C8 1PK E . -6.45 -16.93 15.28
C13 1PK E . -5.99 -17.57 16.43
C10 1PK E . -4.70 -17.33 16.92
C4 1PK E . -3.86 -16.43 16.25
C1 1PK E . -4.31 -15.79 15.10
C9 1PK E . -2.55 -16.18 16.72
C12 1PK E . -1.73 -15.28 16.04
C6 1PK E . -2.19 -14.63 14.88
C2 1PK E . -3.48 -14.88 14.41
N14 1PK F . -3.47 -19.84 15.19
C11 1PK F . -3.60 -19.10 14.07
N5 1PK F . -4.82 -19.05 13.46
N7 1PK F . -2.55 -18.43 13.55
C3 1PK F . -2.68 -17.69 12.43
C8 1PK F . -1.61 -16.99 11.90
C13 1PK F . -1.78 -16.25 10.73
C10 1PK F . -3.02 -16.19 10.11
C4 1PK F . -4.11 -16.88 10.64
C1 1PK F . -3.93 -17.63 11.80
C9 1PK F . -5.36 -16.83 10.02
C12 1PK F . -6.43 -17.53 10.56
C6 1PK F . -6.25 -18.28 11.73
C2 1PK F . -5.00 -18.33 12.33
N14 1PK G . -17.26 -1.11 10.15
C11 1PK G . -17.99 -2.00 10.85
N5 1PK G . -17.53 -2.50 12.02
N7 1PK G . -19.20 -2.38 10.35
C3 1PK G . -19.96 -3.26 11.04
C8 1PK G . -21.19 -3.67 10.52
C13 1PK G . -21.97 -4.58 11.23
C10 1PK G . -21.51 -5.11 12.44
C4 1PK G . -20.27 -4.71 12.95
C1 1PK G . -19.49 -3.79 12.24
C9 1PK G . -19.79 -5.23 14.15
C12 1PK G . -18.56 -4.82 14.65
C6 1PK G . -17.78 -3.90 13.94
C2 1PK G . -18.26 -3.38 12.73
N14 1PK H . -20.49 -1.65 15.35
C11 1PK H . -21.42 -1.67 14.36
N5 1PK H . -21.21 -0.97 13.22
N7 1PK H . -22.53 -2.43 14.52
C3 1PK H . -23.47 -2.48 13.55
C8 1PK H . -24.62 -3.25 13.72
C13 1PK H . -25.57 -3.30 12.70
C10 1PK H . -25.39 -2.58 11.52
C4 1PK H . -24.24 -1.81 11.35
C1 1PK H . -23.29 -1.76 12.37
C9 1PK H . -24.05 -1.08 10.18
C12 1PK H . -22.89 -0.31 10.03
C6 1PK H . -21.94 -0.28 11.05
C2 1PK H . -22.13 -0.99 12.22
K K I . 6.26 8.80 3.25
N14 1PK J . -0.60 -18.27 7.96
C11 1PK J . -1.46 -19.02 8.67
N5 1PK J . -2.74 -19.15 8.24
N7 1PK J . -1.04 -19.64 9.81
C3 1PK J . -1.89 -20.40 10.53
C8 1PK J . -1.47 -21.03 11.71
C13 1PK J . -2.37 -21.82 12.44
C10 1PK J . -3.69 -21.96 12.01
C4 1PK J . -4.10 -21.32 10.85
C1 1PK J . -3.21 -20.53 10.11
C9 1PK J . -5.42 -21.45 10.39
C12 1PK J . -5.83 -20.80 9.23
C6 1PK J . -4.93 -20.03 8.50
C2 1PK J . -3.61 -19.89 8.94
N14 1PK K . -3.66 -22.77 6.77
C11 1PK K . -3.09 -23.33 7.86
N5 1PK K . -1.83 -22.99 8.23
N7 1PK K . -3.79 -24.23 8.60
C3 1PK K . -3.22 -24.79 9.70
C8 1PK K . -3.93 -25.71 10.46
C13 1PK K . -3.33 -26.28 11.57
C10 1PK K . -2.03 -25.93 11.95
C4 1PK K . -1.31 -25.01 11.20
C1 1PK K . -1.92 -24.43 10.07
C9 1PK K . -0.02 -24.65 11.55
C12 1PK K . 0.68 -23.72 10.79
C6 1PK K . 0.08 -23.16 9.66
C2 1PK K . -1.22 -23.52 9.30
O5' ADN L . -3.38 -7.44 -13.76
C5' ADN L . -2.86 -7.22 -12.43
C4' ADN L . -3.80 -7.78 -11.38
O4' ADN L . -3.96 -9.19 -11.55
C3' ADN L . -3.36 -7.61 -9.92
O3' ADN L . -3.98 -6.44 -9.36
C2' ADN L . -3.81 -8.92 -9.25
O2' ADN L . -4.72 -8.76 -8.16
C1' ADN L . -4.59 -9.60 -10.36
N9 ADN L . -4.58 -11.06 -10.28
C8 ADN L . -3.60 -11.88 -9.85
N7 ADN L . -3.99 -13.18 -9.95
C5 ADN L . -5.23 -13.16 -10.47
C6 ADN L . -6.21 -14.20 -10.78
N6 ADN L . -5.95 -15.51 -10.61
N1 ADN L . -7.40 -13.76 -11.23
C2 ADN L . -7.69 -12.46 -11.43
N3 ADN L . -6.85 -11.45 -11.15
C4 ADN L . -5.63 -11.77 -10.67
C6 1PJ M . -2.11 -16.77 4.01
C5 1PJ M . -5.05 -17.73 5.16
C4 1PJ M . -3.46 -19.64 4.46
C2 1PJ M . -3.24 -17.29 3.41
O8 1PJ M . -5.21 -16.48 5.20
O9 1PJ M . -5.68 -18.51 5.91
C1 1PJ M . -4.08 -18.28 4.16
C3 1PJ M . -4.55 -19.52 3.39
C10 1PJ M . -1.33 -15.83 3.33
C12 1PJ M . -1.70 -15.41 2.04
O13 1PJ M . -0.98 -14.46 1.34
C14 1PJ M . 0.13 -13.78 1.93
C11 1PJ M . -2.86 -15.94 1.45
C7 1PJ M . -3.62 -16.89 2.13
N14 1PK N . -14.77 -8.24 8.93
C11 1PK N . -16.05 -8.59 8.60
N5 1PK N . -16.60 -8.16 7.44
N7 1PK N . -16.74 -9.41 9.46
C3 1PK N . -18.00 -9.79 9.17
C8 1PK N . -18.72 -10.61 10.06
C13 1PK N . -20.03 -10.98 9.74
C10 1PK N . -20.62 -10.55 8.56
C4 1PK N . -19.92 -9.73 7.67
C1 1PK N . -18.60 -9.34 7.99
C9 1PK N . -20.49 -9.28 6.48
C12 1PK N . -19.76 -8.46 5.61
C6 1PK N . -18.46 -8.08 5.93
C2 1PK N . -17.87 -8.51 7.12
N14 1PK O . -21.65 -7.87 10.19
C11 1PK O . -20.41 -7.31 10.22
N5 1PK O . -19.55 -7.63 11.22
N7 1PK O . -20.05 -6.44 9.25
C3 1PK O . -18.81 -5.87 9.26
C8 1PK O . -18.44 -4.97 8.26
C13 1PK O . -17.18 -4.39 8.30
C10 1PK O . -16.28 -4.72 9.32
C4 1PK O . -16.65 -5.61 10.32
C1 1PK O . -17.92 -6.19 10.29
C9 1PK O . -15.77 -5.95 11.35
C12 1PK O . -16.17 -6.85 12.33
C6 1PK O . -17.44 -7.43 12.30
C2 1PK O . -18.32 -7.09 11.27
K K P . 1.31 -0.36 -11.44
#